data_6WSB
#
_entry.id   6WSB
#
_cell.length_a   99.270
_cell.length_b   156.700
_cell.length_c   76.230
_cell.angle_alpha   90.000
_cell.angle_beta   90.000
_cell.angle_gamma   90.000
#
_symmetry.space_group_name_H-M   'P 21 21 2'
#
loop_
_entity.id
_entity.type
_entity.pdbx_description
1 polymer 'NAD/NADP-dependent betaine aldehyde dehydrogenase'
2 non-polymer NICOTINAMIDE-ADENINE-DINUCLEOTIDE
3 non-polymer GLYCEROL
4 water water
#
_entity_poly.entity_id   1
_entity_poly.type   'polypeptide(L)'
_entity_poly.pdbx_seq_one_letter_code
;MSVYGLQRLYIAGAHADATSGKTFDTFDPATGELLARVQQASADDVDRAVASAREGQREWAAMTAMQRSRILRRAVELLR
ERNDALAELEMRDTGKPIAETRAVDIVTGADVIEYYAGLATAIEGLQVPLRPESFVYTRREPLGVCAGIGAWNYPIQIAC
WKSAPALAAGNAMIFKPSEVTPLSALKLAEIYTEAGVPAGVFNVVQGDGSVGALLSAHPGIAKVSFTGGVETGKKVMSLA
GASSLKEVTMELGGKSPLIVFDDADLDRAADIAVTANFFSAGQVCTNGTRVFVQQAVKDAFVERVLARVARIRVGKPSDS
DTNFGPLASAAQLDKVLGYIDSGKAEGAKLLAGGARLVNDHFASGQYVAPTVFGDCRDDMRIVREEIFGPVMSILSFETE
DEAIARANATDYGLAAGVVTENLSRAHRAIHRLEAGICWINTWGESPAEMPVGGYKQSGVGRENGITTLEHYTRIKSVQV
ELGRYQPVFGHHHHHH
;
_entity_poly.pdbx_strand_id   A,B
#
# COMPACT_ATOMS: atom_id res chain seq x y z
N SER A 2 -2.41 -11.23 41.58
CA SER A 2 -1.66 -11.43 40.34
C SER A 2 -0.22 -10.98 40.53
N VAL A 3 0.67 -11.43 39.65
CA VAL A 3 2.09 -11.08 39.77
C VAL A 3 2.28 -9.58 39.61
N TYR A 4 1.72 -9.01 38.54
CA TYR A 4 2.01 -7.63 38.17
C TYR A 4 0.88 -6.66 38.48
N GLY A 5 -0.26 -7.12 38.99
CA GLY A 5 -1.30 -6.20 39.40
C GLY A 5 -2.21 -5.78 38.26
N LEU A 6 -2.87 -4.64 38.47
CA LEU A 6 -3.80 -4.10 37.48
C LEU A 6 -3.01 -3.26 36.48
N GLN A 7 -3.17 -3.55 35.19
CA GLN A 7 -2.51 -2.77 34.17
C GLN A 7 -3.57 -2.14 33.27
N ARG A 8 -3.24 -0.99 32.69
CA ARG A 8 -4.24 -0.08 32.14
C ARG A 8 -3.81 0.37 30.75
N LEU A 9 -4.33 1.52 30.33
CA LEU A 9 -3.95 2.10 29.04
C LEU A 9 -2.76 3.04 29.26
N TYR A 10 -2.09 3.42 28.17
CA TYR A 10 -1.05 4.45 28.25
C TYR A 10 -1.37 5.52 27.23
N ILE A 11 -1.83 6.67 27.70
CA ILE A 11 -2.27 7.75 26.83
C ILE A 11 -1.72 9.06 27.35
N ALA A 12 -1.15 9.87 26.45
CA ALA A 12 -0.71 11.23 26.79
C ALA A 12 0.34 11.21 27.90
N GLY A 13 1.29 10.29 27.79
CA GLY A 13 2.44 10.29 28.68
C GLY A 13 2.19 9.74 30.07
N ALA A 14 1.10 9.01 30.28
CA ALA A 14 0.82 8.44 31.59
C ALA A 14 -0.11 7.24 31.45
N HIS A 15 -0.05 6.34 32.43
CA HIS A 15 -1.04 5.30 32.53
C HIS A 15 -2.40 5.90 32.84
N ALA A 16 -3.45 5.28 32.31
CA ALA A 16 -4.78 5.90 32.43
C ALA A 16 -5.86 4.84 32.45
N ASP A 17 -6.90 5.09 33.24
CA ASP A 17 -8.06 4.20 33.31
C ASP A 17 -8.78 4.14 31.97
N ALA A 18 -9.08 2.92 31.54
CA ALA A 18 -10.02 2.74 30.43
C ALA A 18 -11.45 3.06 30.88
N THR A 19 -12.36 3.13 29.91
CA THR A 19 -13.76 3.43 30.22
C THR A 19 -14.73 2.39 29.63
N SER A 20 -14.25 1.18 29.34
CA SER A 20 -15.12 0.12 28.83
C SER A 20 -15.92 -0.58 29.91
N GLY A 21 -15.47 -0.51 31.17
CA GLY A 21 -16.02 -1.35 32.21
C GLY A 21 -15.57 -2.79 32.16
N LYS A 22 -14.63 -3.13 31.27
CA LYS A 22 -14.24 -4.51 31.02
C LYS A 22 -12.75 -4.69 31.19
N THR A 23 -12.37 -5.88 31.67
CA THR A 23 -10.98 -6.28 31.80
C THR A 23 -10.79 -7.67 31.19
N PHE A 24 -9.53 -8.01 30.97
CA PHE A 24 -9.16 -9.35 30.55
C PHE A 24 -7.89 -9.74 31.31
N ASP A 25 -7.65 -11.05 31.41
CA ASP A 25 -6.53 -11.58 32.17
C ASP A 25 -5.41 -12.05 31.24
N THR A 26 -4.17 -11.87 31.68
CA THR A 26 -3.03 -12.52 31.04
C THR A 26 -2.38 -13.47 32.04
N PHE A 27 -2.01 -14.64 31.53
CA PHE A 27 -1.46 -15.73 32.32
C PHE A 27 -0.06 -16.06 31.86
N ASP A 28 0.67 -16.73 32.75
CA ASP A 28 1.95 -17.36 32.46
C ASP A 28 1.67 -18.72 31.84
N PRO A 29 1.99 -18.93 30.56
CA PRO A 29 1.64 -20.21 29.93
C PRO A 29 2.47 -21.40 30.40
N ALA A 30 3.51 -21.18 31.20
CA ALA A 30 4.27 -22.30 31.77
C ALA A 30 3.62 -22.84 33.04
N THR A 31 2.87 -22.00 33.76
CA THR A 31 2.40 -22.36 35.10
C THR A 31 0.92 -22.13 35.31
N GLY A 32 0.26 -21.34 34.46
CA GLY A 32 -1.10 -20.95 34.68
C GLY A 32 -1.29 -19.82 35.67
N GLU A 33 -0.22 -19.27 36.23
CA GLU A 33 -0.36 -18.18 37.19
CA GLU A 33 -0.34 -18.17 37.19
C GLU A 33 -0.90 -16.93 36.50
N LEU A 34 -1.81 -16.24 37.20
CA LEU A 34 -2.32 -14.97 36.73
C LEU A 34 -1.24 -13.91 36.81
N LEU A 35 -0.90 -13.32 35.66
CA LEU A 35 0.12 -12.27 35.64
C LEU A 35 -0.47 -10.88 35.86
N ALA A 36 -1.63 -10.60 35.26
CA ALA A 36 -2.22 -9.28 35.43
C ALA A 36 -3.67 -9.31 34.99
N ARG A 37 -4.45 -8.45 35.62
CA ARG A 37 -5.75 -8.04 35.11
C ARG A 37 -5.52 -6.75 34.30
N VAL A 38 -6.05 -6.70 33.07
CA VAL A 38 -5.74 -5.60 32.15
C VAL A 38 -7.05 -4.95 31.70
N GLN A 39 -7.10 -3.62 31.77
CA GLN A 39 -8.29 -2.91 31.32
C GLN A 39 -8.37 -2.86 29.80
N GLN A 40 -9.57 -3.08 29.27
CA GLN A 40 -9.81 -3.00 27.83
C GLN A 40 -10.27 -1.60 27.42
N ALA A 41 -9.65 -1.07 26.36
CA ALA A 41 -10.05 0.24 25.83
C ALA A 41 -11.44 0.20 25.23
N SER A 42 -12.19 1.28 25.46
CA SER A 42 -13.47 1.51 24.78
C SER A 42 -13.26 2.29 23.49
N ALA A 43 -14.34 2.41 22.70
CA ALA A 43 -14.29 3.28 21.52
C ALA A 43 -13.93 4.71 21.91
N ASP A 44 -14.49 5.21 23.00
CA ASP A 44 -14.15 6.56 23.42
CA ASP A 44 -14.17 6.55 23.49
C ASP A 44 -12.69 6.66 23.86
N ASP A 45 -12.14 5.61 24.47
CA ASP A 45 -10.71 5.61 24.80
C ASP A 45 -9.85 5.67 23.53
N VAL A 46 -10.23 4.94 22.49
CA VAL A 46 -9.48 5.01 21.25
C VAL A 46 -9.56 6.42 20.66
N ASP A 47 -10.75 7.04 20.68
CA ASP A 47 -10.85 8.44 20.26
C ASP A 47 -9.90 9.33 21.04
N ARG A 48 -9.84 9.13 22.35
CA ARG A 48 -8.97 9.96 23.18
C ARG A 48 -7.51 9.71 22.84
N ALA A 49 -7.14 8.46 22.58
CA ALA A 49 -5.77 8.14 22.17
C ALA A 49 -5.42 8.81 20.85
N VAL A 50 -6.38 8.89 19.92
CA VAL A 50 -6.13 9.56 18.64
C VAL A 50 -5.94 11.05 18.84
N ALA A 51 -6.79 11.69 19.65
CA ALA A 51 -6.63 13.12 19.90
C ALA A 51 -5.28 13.39 20.57
N SER A 52 -4.90 12.55 21.53
CA SER A 52 -3.60 12.66 22.19
C SER A 52 -2.47 12.50 21.18
N ALA A 53 -2.58 11.51 20.30
CA ALA A 53 -1.53 11.27 19.32
C ALA A 53 -1.40 12.44 18.36
N ARG A 54 -2.53 13.01 17.95
CA ARG A 54 -2.50 14.15 17.04
CA ARG A 54 -2.53 14.17 17.06
C ARG A 54 -1.77 15.33 17.68
N GLU A 55 -1.99 15.58 18.98
CA GLU A 55 -1.28 16.66 19.65
CA GLU A 55 -1.28 16.65 19.66
C GLU A 55 0.21 16.35 19.76
N GLY A 56 0.56 15.15 20.19
CA GLY A 56 1.97 14.81 20.33
C GLY A 56 2.70 14.81 19.00
N GLN A 57 2.02 14.34 17.95
CA GLN A 57 2.66 14.29 16.62
C GLN A 57 3.06 15.68 16.18
N ARG A 58 2.25 16.69 16.51
CA ARG A 58 2.60 18.05 16.09
CA ARG A 58 2.59 18.06 16.11
C ARG A 58 3.89 18.52 16.76
N GLU A 59 4.04 18.26 18.06
CA GLU A 59 5.27 18.66 18.73
CA GLU A 59 5.27 18.65 18.75
C GLU A 59 6.47 17.86 18.21
N TRP A 60 6.28 16.56 18.02
CA TRP A 60 7.35 15.68 17.57
C TRP A 60 7.84 16.04 16.18
N ALA A 61 6.90 16.29 15.25
CA ALA A 61 7.28 16.63 13.89
C ALA A 61 7.91 18.01 13.80
N ALA A 62 7.58 18.90 14.73
CA ALA A 62 8.17 20.25 14.71
C ALA A 62 9.62 20.24 15.14
N MET A 63 10.06 19.19 15.86
CA MET A 63 11.47 19.05 16.19
C MET A 63 12.28 18.82 14.92
N THR A 64 13.60 19.05 15.00
CA THR A 64 14.46 18.69 13.89
C THR A 64 14.61 17.17 13.83
N ALA A 65 15.04 16.69 12.66
CA ALA A 65 15.32 15.27 12.55
C ALA A 65 16.38 14.82 13.55
N MET A 66 17.41 15.65 13.79
CA MET A 66 18.44 15.23 14.74
C MET A 66 17.92 15.22 16.17
N GLN A 67 17.02 16.13 16.52
CA GLN A 67 16.39 16.08 17.83
C GLN A 67 15.64 14.76 18.02
N ARG A 68 14.88 14.33 17.00
CA ARG A 68 14.20 13.03 17.10
C ARG A 68 15.23 11.90 17.19
N SER A 69 16.29 11.98 16.39
CA SER A 69 17.34 10.96 16.41
C SER A 69 17.92 10.79 17.80
N ARG A 70 18.21 11.91 18.48
CA ARG A 70 18.82 11.84 19.80
C ARG A 70 17.88 11.21 20.81
N ILE A 71 16.59 11.53 20.71
CA ILE A 71 15.64 10.97 21.67
C ILE A 71 15.49 9.46 21.44
N LEU A 72 15.41 9.03 20.18
CA LEU A 72 15.33 7.59 19.91
C LEU A 72 16.60 6.87 20.36
N ARG A 73 17.76 7.51 20.21
CA ARG A 73 19.00 6.91 20.71
C ARG A 73 19.00 6.77 22.23
N ARG A 74 18.39 7.74 22.94
CA ARG A 74 18.23 7.60 24.38
C ARG A 74 17.32 6.44 24.72
N ALA A 75 16.23 6.26 23.96
CA ALA A 75 15.37 5.09 24.17
C ALA A 75 16.15 3.78 24.00
N VAL A 76 17.03 3.73 22.99
CA VAL A 76 17.88 2.55 22.82
C VAL A 76 18.75 2.31 24.05
N GLU A 77 19.36 3.37 24.59
CA GLU A 77 20.18 3.21 25.80
C GLU A 77 19.37 2.59 26.93
N LEU A 78 18.13 3.04 27.12
CA LEU A 78 17.31 2.52 28.21
C LEU A 78 16.93 1.07 27.97
N LEU A 79 16.61 0.70 26.72
CA LEU A 79 16.32 -0.69 26.41
C LEU A 79 17.51 -1.60 26.65
N ARG A 80 18.73 -1.13 26.32
CA ARG A 80 19.91 -1.95 26.60
C ARG A 80 20.11 -2.11 28.10
N GLU A 81 19.95 -1.02 28.84
CA GLU A 81 20.17 -1.06 30.29
CA GLU A 81 20.18 -1.06 30.29
C GLU A 81 19.20 -2.00 30.98
N ARG A 82 17.96 -2.03 30.51
CA ARG A 82 16.90 -2.81 31.15
C ARG A 82 16.65 -4.14 30.45
N ASN A 83 17.58 -4.56 29.58
CA ASN A 83 17.38 -5.76 28.78
C ASN A 83 16.93 -6.95 29.63
N ASP A 84 17.64 -7.22 30.72
CA ASP A 84 17.37 -8.46 31.46
C ASP A 84 16.03 -8.39 32.20
N ALA A 85 15.69 -7.23 32.76
CA ALA A 85 14.40 -7.09 33.44
C ALA A 85 13.25 -7.19 32.45
N LEU A 86 13.39 -6.58 31.27
CA LEU A 86 12.35 -6.70 30.25
C LEU A 86 12.28 -8.12 29.71
N ALA A 87 13.43 -8.79 29.59
CA ALA A 87 13.44 -10.18 29.13
C ALA A 87 12.69 -11.08 30.09
N GLU A 88 12.83 -10.85 31.40
CA GLU A 88 12.10 -11.65 32.39
CA GLU A 88 12.10 -11.65 32.38
C GLU A 88 10.59 -11.46 32.22
N LEU A 89 10.16 -10.20 32.09
CA LEU A 89 8.74 -9.92 31.88
C LEU A 89 8.23 -10.60 30.62
N GLU A 90 8.99 -10.48 29.52
CA GLU A 90 8.57 -11.08 28.26
C GLU A 90 8.51 -12.60 28.37
N MET A 91 9.44 -13.21 29.11
CA MET A 91 9.40 -14.66 29.31
C MET A 91 8.14 -15.06 30.09
N ARG A 92 7.77 -14.28 31.11
CA ARG A 92 6.58 -14.62 31.88
C ARG A 92 5.33 -14.55 31.02
N ASP A 93 5.22 -13.50 30.21
CA ASP A 93 4.00 -13.24 29.44
C ASP A 93 3.87 -14.19 28.25
N THR A 94 4.99 -14.56 27.61
CA THR A 94 4.93 -15.35 26.38
C THR A 94 5.16 -16.84 26.60
N GLY A 95 5.89 -17.22 27.64
CA GLY A 95 6.35 -18.60 27.76
C GLY A 95 7.63 -18.91 27.01
N LYS A 96 8.20 -17.96 26.28
CA LYS A 96 9.44 -18.24 25.56
C LYS A 96 10.60 -18.34 26.55
N PRO A 97 11.59 -19.19 26.26
CA PRO A 97 12.72 -19.36 27.21
C PRO A 97 13.41 -18.04 27.51
N ILE A 98 13.82 -17.88 28.78
CA ILE A 98 14.58 -16.69 29.15
C ILE A 98 15.86 -16.60 28.35
N ALA A 99 16.43 -17.75 27.94
CA ALA A 99 17.61 -17.72 27.08
C ALA A 99 17.33 -17.02 25.76
N GLU A 100 16.10 -17.13 25.25
CA GLU A 100 15.73 -16.38 24.04
C GLU A 100 15.45 -14.92 24.35
N THR A 101 14.61 -14.64 25.35
CA THR A 101 14.19 -13.25 25.50
C THR A 101 15.34 -12.36 25.93
N ARG A 102 16.34 -12.92 26.62
CA ARG A 102 17.51 -12.13 27.00
C ARG A 102 18.42 -11.82 25.84
N ALA A 103 18.44 -12.67 24.81
CA ALA A 103 19.39 -12.54 23.69
C ALA A 103 18.77 -11.97 22.42
N VAL A 104 17.45 -12.08 22.25
CA VAL A 104 16.81 -11.77 20.97
C VAL A 104 15.81 -10.63 21.10
N ASP A 105 14.80 -10.78 21.95
CA ASP A 105 13.59 -9.95 21.83
C ASP A 105 13.89 -8.45 21.99
N ILE A 106 14.51 -8.07 23.11
CA ILE A 106 14.82 -6.66 23.33
C ILE A 106 16.05 -6.24 22.52
N VAL A 107 17.05 -7.12 22.42
CA VAL A 107 18.25 -6.80 21.64
C VAL A 107 17.86 -6.36 20.23
N THR A 108 17.06 -7.18 19.55
CA THR A 108 16.74 -6.87 18.15
C THR A 108 15.66 -5.80 18.03
N GLY A 109 14.78 -5.66 19.02
CA GLY A 109 13.87 -4.52 19.00
C GLY A 109 14.62 -3.20 19.12
N ALA A 110 15.57 -3.14 20.04
CA ALA A 110 16.39 -1.96 20.17
C ALA A 110 17.28 -1.76 18.95
N ASP A 111 17.75 -2.86 18.34
CA ASP A 111 18.58 -2.75 17.13
C ASP A 111 17.87 -1.94 16.06
N VAL A 112 16.57 -2.17 15.87
CA VAL A 112 15.84 -1.49 14.81
C VAL A 112 15.53 -0.04 15.18
N ILE A 113 15.20 0.24 16.45
CA ILE A 113 15.07 1.64 16.86
C ILE A 113 16.40 2.36 16.65
N GLU A 114 17.51 1.70 16.96
CA GLU A 114 18.83 2.32 16.82
C GLU A 114 19.13 2.64 15.36
N TYR A 115 18.85 1.68 14.48
CA TYR A 115 19.04 1.88 13.04
C TYR A 115 18.24 3.08 12.53
N TYR A 116 16.96 3.13 12.85
CA TYR A 116 16.14 4.22 12.32
C TYR A 116 16.46 5.54 13.00
N ALA A 117 16.89 5.52 14.27
CA ALA A 117 17.36 6.75 14.88
C ALA A 117 18.45 7.40 14.04
N GLY A 118 19.38 6.60 13.55
CA GLY A 118 20.48 7.15 12.77
C GLY A 118 20.05 7.63 11.40
N LEU A 119 19.00 7.01 10.85
CA LEU A 119 18.51 7.36 9.52
C LEU A 119 17.47 8.47 9.53
N ALA A 120 17.05 8.95 10.71
CA ALA A 120 15.99 9.95 10.74
C ALA A 120 16.39 11.23 10.02
N THR A 121 17.69 11.47 9.88
CA THR A 121 18.22 12.65 9.21
C THR A 121 18.38 12.46 7.71
N ALA A 122 18.10 11.27 7.20
CA ALA A 122 18.35 10.92 5.80
C ALA A 122 17.07 10.74 5.00
N ILE A 123 15.95 11.22 5.52
CA ILE A 123 14.70 11.18 4.75
C ILE A 123 14.72 12.41 3.85
N GLU A 124 14.84 12.18 2.53
CA GLU A 124 14.98 13.26 1.58
C GLU A 124 13.97 13.12 0.46
N GLY A 125 13.44 14.26 0.01
CA GLY A 125 12.67 14.35 -1.20
C GLY A 125 13.58 14.45 -2.42
N LEU A 126 12.97 14.75 -3.55
CA LEU A 126 13.71 14.93 -4.78
C LEU A 126 13.56 16.36 -5.28
N GLN A 127 14.43 16.74 -6.21
CA GLN A 127 14.24 17.94 -7.01
C GLN A 127 14.51 17.59 -8.46
N VAL A 128 13.68 18.11 -9.36
CA VAL A 128 13.93 17.88 -10.78
C VAL A 128 13.45 19.07 -11.60
N PRO A 129 14.28 19.61 -12.48
CA PRO A 129 13.84 20.71 -13.35
C PRO A 129 12.95 20.21 -14.47
N LEU A 130 12.01 21.06 -14.86
CA LEU A 130 11.18 20.78 -16.02
C LEU A 130 11.63 21.57 -17.24
N ARG A 131 12.18 22.74 -17.02
CA ARG A 131 12.57 23.71 -18.02
C ARG A 131 13.18 24.86 -17.23
N PRO A 132 13.85 25.82 -17.86
CA PRO A 132 14.42 26.93 -17.07
C PRO A 132 13.40 27.64 -16.21
N GLU A 133 12.15 27.73 -16.64
CA GLU A 133 11.14 28.47 -15.91
C GLU A 133 10.38 27.66 -14.86
N SER A 134 10.65 26.36 -14.67
CA SER A 134 9.82 25.62 -13.73
C SER A 134 10.57 24.39 -13.22
N PHE A 135 10.35 24.07 -11.94
CA PHE A 135 10.98 22.89 -11.36
C PHE A 135 10.06 22.29 -10.31
N VAL A 136 10.34 21.05 -9.96
CA VAL A 136 9.56 20.29 -9.00
C VAL A 136 10.46 19.89 -7.84
N TYR A 137 9.94 19.97 -6.62
CA TYR A 137 10.56 19.28 -5.51
C TYR A 137 9.51 18.50 -4.76
N THR A 138 9.92 17.42 -4.09
CA THR A 138 9.01 16.69 -3.24
C THR A 138 9.39 16.85 -1.78
N ARG A 139 8.37 16.75 -0.95
CA ARG A 139 8.53 16.65 0.50
C ARG A 139 8.04 15.28 0.94
N ARG A 140 8.75 14.68 1.89
CA ARG A 140 8.35 13.44 2.53
CA ARG A 140 8.33 13.44 2.52
C ARG A 140 7.80 13.83 3.89
N GLU A 141 6.51 14.00 3.96
CA GLU A 141 5.85 14.48 5.17
C GLU A 141 5.35 13.33 6.01
N PRO A 142 5.29 13.49 7.33
CA PRO A 142 4.67 12.45 8.17
C PRO A 142 3.26 12.16 7.71
N LEU A 143 2.86 10.90 7.87
CA LEU A 143 1.48 10.50 7.64
C LEU A 143 0.55 11.11 8.69
N GLY A 144 1.02 11.21 9.93
CA GLY A 144 0.20 11.70 11.02
C GLY A 144 0.16 10.70 12.15
N VAL A 145 -1.02 10.15 12.43
CA VAL A 145 -1.19 9.16 13.48
C VAL A 145 -1.25 7.78 12.83
N CYS A 146 -0.31 6.92 13.19
CA CYS A 146 -0.26 5.54 12.70
C CYS A 146 -0.75 4.59 13.78
N ALA A 147 -1.32 3.47 13.35
CA ALA A 147 -1.74 2.41 14.26
C ALA A 147 -0.86 1.20 14.07
N GLY A 148 -0.48 0.56 15.16
CA GLY A 148 0.20 -0.72 15.08
C GLY A 148 -0.54 -1.76 15.88
N ILE A 149 -0.71 -2.96 15.33
CA ILE A 149 -1.43 -4.04 16.00
C ILE A 149 -0.49 -5.23 16.10
N GLY A 150 -0.24 -5.69 17.33
CA GLY A 150 0.79 -6.68 17.57
C GLY A 150 0.30 -8.11 17.70
N ALA A 151 1.25 -9.04 17.58
CA ALA A 151 1.02 -10.46 17.78
C ALA A 151 1.70 -10.88 19.09
N TRP A 152 1.37 -12.08 19.55
CA TRP A 152 1.83 -12.49 20.87
C TRP A 152 3.16 -13.23 20.86
N ASN A 153 3.75 -13.52 19.69
CA ASN A 153 4.94 -14.36 19.72
C ASN A 153 6.20 -13.55 19.99
N TYR A 154 6.25 -12.29 19.53
CA TYR A 154 7.38 -11.39 19.81
C TYR A 154 6.82 -10.03 20.21
N PRO A 155 6.21 -9.93 21.39
CA PRO A 155 5.44 -8.71 21.73
C PRO A 155 6.25 -7.43 21.71
N ILE A 156 7.33 -7.34 22.49
CA ILE A 156 8.03 -6.06 22.52
C ILE A 156 8.83 -5.83 21.25
N GLN A 157 9.34 -6.90 20.61
CA GLN A 157 10.07 -6.72 19.36
C GLN A 157 9.16 -6.11 18.28
N ILE A 158 7.95 -6.66 18.15
CA ILE A 158 7.00 -6.12 17.20
C ILE A 158 6.68 -4.66 17.51
N ALA A 159 6.48 -4.34 18.80
CA ALA A 159 6.21 -2.95 19.16
C ALA A 159 7.36 -2.03 18.75
N CYS A 160 8.60 -2.50 18.92
CA CYS A 160 9.76 -1.73 18.51
C CYS A 160 9.82 -1.58 17.00
N TRP A 161 9.61 -2.67 16.26
CA TRP A 161 9.79 -2.63 14.82
C TRP A 161 8.72 -1.80 14.12
N LYS A 162 7.51 -1.72 14.68
CA LYS A 162 6.49 -0.88 14.09
C LYS A 162 6.67 0.58 14.49
N SER A 163 6.98 0.82 15.77
CA SER A 163 7.09 2.20 16.22
C SER A 163 8.37 2.88 15.74
N ALA A 164 9.46 2.14 15.51
CA ALA A 164 10.73 2.79 15.18
C ALA A 164 10.66 3.59 13.89
N PRO A 165 10.29 3.00 12.74
CA PRO A 165 10.21 3.82 11.51
C PRO A 165 9.12 4.87 11.60
N ALA A 166 7.99 4.56 12.26
CA ALA A 166 6.92 5.56 12.37
C ALA A 166 7.41 6.78 13.11
N LEU A 167 8.03 6.59 14.27
CA LEU A 167 8.48 7.73 15.06
C LEU A 167 9.65 8.43 14.39
N ALA A 168 10.58 7.68 13.79
CA ALA A 168 11.74 8.33 13.18
C ALA A 168 11.31 9.27 12.05
N ALA A 169 10.27 8.89 11.33
CA ALA A 169 9.74 9.70 10.23
C ALA A 169 8.85 10.85 10.70
N GLY A 170 8.63 11.00 12.01
CA GLY A 170 7.87 12.12 12.52
C GLY A 170 6.41 11.85 12.80
N ASN A 171 6.00 10.58 12.83
CA ASN A 171 4.62 10.20 13.16
C ASN A 171 4.46 9.93 14.63
N ALA A 172 3.20 9.90 15.07
CA ALA A 172 2.83 9.25 16.32
C ALA A 172 2.27 7.87 16.01
N MET A 173 2.27 7.00 17.01
CA MET A 173 1.71 5.68 16.84
C MET A 173 0.85 5.32 18.04
N ILE A 174 -0.32 4.75 17.76
CA ILE A 174 -1.13 4.07 18.77
C ILE A 174 -0.93 2.59 18.56
N PHE A 175 -0.47 1.90 19.60
CA PHE A 175 -0.13 0.49 19.50
C PHE A 175 -1.06 -0.35 20.37
N LYS A 176 -1.57 -1.45 19.80
CA LYS A 176 -2.36 -2.41 20.58
C LYS A 176 -1.64 -3.75 20.59
N PRO A 177 -1.11 -4.19 21.73
CA PRO A 177 -0.50 -5.51 21.78
C PRO A 177 -1.59 -6.58 21.73
N SER A 178 -1.16 -7.80 21.37
CA SER A 178 -2.05 -8.94 21.54
C SER A 178 -2.56 -9.02 22.97
N GLU A 179 -3.85 -9.34 23.12
CA GLU A 179 -4.43 -9.54 24.44
C GLU A 179 -3.78 -10.71 25.17
N VAL A 180 -3.09 -11.60 24.44
CA VAL A 180 -2.40 -12.71 25.06
C VAL A 180 -1.14 -12.23 25.78
N THR A 181 -0.53 -11.14 25.30
CA THR A 181 0.75 -10.64 25.81
C THR A 181 0.71 -9.12 25.89
N PRO A 182 -0.08 -8.58 26.82
CA PRO A 182 -0.28 -7.12 26.86
C PRO A 182 0.77 -6.34 27.64
N LEU A 183 1.73 -6.98 28.30
CA LEU A 183 2.48 -6.27 29.34
C LEU A 183 3.68 -5.49 28.83
N SER A 184 4.51 -6.05 27.94
CA SER A 184 5.77 -5.36 27.66
C SER A 184 5.57 -4.08 26.85
N ALA A 185 4.47 -3.96 26.09
CA ALA A 185 4.25 -2.72 25.33
C ALA A 185 4.13 -1.52 26.25
N LEU A 186 3.58 -1.70 27.45
CA LEU A 186 3.49 -0.61 28.39
C LEU A 186 4.86 -0.18 28.87
N LYS A 187 5.78 -1.13 29.03
CA LYS A 187 7.14 -0.77 29.42
C LYS A 187 7.83 0.03 28.32
N LEU A 188 7.63 -0.36 27.06
CA LEU A 188 8.19 0.42 25.97
C LEU A 188 7.64 1.85 25.98
N ALA A 189 6.34 2.00 26.26
CA ALA A 189 5.77 3.34 26.28
C ALA A 189 6.39 4.19 27.40
N GLU A 190 6.60 3.60 28.57
CA GLU A 190 7.30 4.31 29.64
C GLU A 190 8.70 4.72 29.21
N ILE A 191 9.41 3.83 28.51
CA ILE A 191 10.78 4.12 28.09
C ILE A 191 10.81 5.26 27.07
N TYR A 192 9.92 5.25 26.09
CA TYR A 192 9.87 6.37 25.15
C TYR A 192 9.65 7.70 25.88
N THR A 193 8.72 7.72 26.84
CA THR A 193 8.47 8.94 27.60
C THR A 193 9.72 9.37 28.36
N GLU A 194 10.38 8.42 29.03
CA GLU A 194 11.60 8.75 29.78
C GLU A 194 12.69 9.29 28.85
N ALA A 195 12.77 8.77 27.62
CA ALA A 195 13.77 9.18 26.66
C ALA A 195 13.51 10.58 26.11
N GLY A 196 12.31 11.12 26.30
CA GLY A 196 11.97 12.46 25.83
C GLY A 196 10.93 12.52 24.74
N VAL A 197 10.29 11.40 24.41
CA VAL A 197 9.24 11.40 23.40
C VAL A 197 8.04 12.19 23.93
N PRO A 198 7.50 13.16 23.18
CA PRO A 198 6.36 13.94 23.70
C PRO A 198 5.16 13.08 24.02
N ALA A 199 4.34 13.58 24.95
CA ALA A 199 3.09 12.91 25.29
C ALA A 199 2.24 12.68 24.05
N GLY A 200 1.72 11.46 23.91
CA GLY A 200 0.89 11.11 22.79
C GLY A 200 1.61 10.50 21.60
N VAL A 201 2.93 10.58 21.54
CA VAL A 201 3.60 10.09 20.35
C VAL A 201 3.63 8.55 20.33
N PHE A 202 3.68 7.89 21.49
CA PHE A 202 3.49 6.45 21.53
C PHE A 202 2.49 6.14 22.65
N ASN A 203 1.25 5.88 22.23
CA ASN A 203 0.15 5.50 23.12
C ASN A 203 -0.11 4.01 23.00
N VAL A 204 -0.56 3.39 24.09
CA VAL A 204 -0.90 1.97 24.10
C VAL A 204 -2.36 1.81 24.49
N VAL A 205 -3.14 1.15 23.64
CA VAL A 205 -4.47 0.70 24.01
C VAL A 205 -4.44 -0.82 24.11
N GLN A 206 -5.37 -1.35 24.89
CA GLN A 206 -5.38 -2.76 25.26
C GLN A 206 -6.72 -3.36 24.87
N GLY A 207 -6.70 -4.63 24.51
CA GLY A 207 -7.94 -5.34 24.30
C GLY A 207 -7.80 -6.40 23.22
N ASP A 208 -8.94 -7.04 22.95
CA ASP A 208 -8.95 -8.11 21.96
C ASP A 208 -9.13 -7.55 20.55
N GLY A 209 -9.55 -8.41 19.62
CA GLY A 209 -9.67 -8.00 18.25
C GLY A 209 -10.65 -6.87 18.01
N SER A 210 -11.65 -6.72 18.88
CA SER A 210 -12.60 -5.62 18.69
C SER A 210 -11.93 -4.28 18.88
N VAL A 211 -10.91 -4.21 19.74
CA VAL A 211 -10.18 -2.96 19.90
C VAL A 211 -9.24 -2.74 18.72
N GLY A 212 -8.65 -3.81 18.19
CA GLY A 212 -7.89 -3.67 16.95
C GLY A 212 -8.74 -3.11 15.83
N ALA A 213 -10.01 -3.56 15.75
CA ALA A 213 -10.90 -3.06 14.71
C ALA A 213 -11.26 -1.60 14.92
N LEU A 214 -11.36 -1.15 16.18
CA LEU A 214 -11.55 0.27 16.44
C LEU A 214 -10.43 1.10 15.83
N LEU A 215 -9.19 0.64 15.95
CA LEU A 215 -8.06 1.35 15.34
C LEU A 215 -8.13 1.32 13.82
N SER A 216 -8.41 0.15 13.23
CA SER A 216 -8.43 0.02 11.78
CA SER A 216 -8.40 0.06 11.78
C SER A 216 -9.51 0.88 11.14
N ALA A 217 -10.59 1.15 11.86
CA ALA A 217 -11.69 1.91 11.29
C ALA A 217 -11.60 3.40 11.57
N HIS A 218 -10.74 3.83 12.49
CA HIS A 218 -10.84 5.19 12.98
C HIS A 218 -10.48 6.19 11.89
N PRO A 219 -11.31 7.20 11.64
CA PRO A 219 -11.03 8.13 10.53
C PRO A 219 -9.82 9.01 10.75
N GLY A 220 -9.32 9.09 11.98
CA GLY A 220 -8.19 9.93 12.32
C GLY A 220 -6.85 9.26 12.20
N ILE A 221 -6.84 7.98 11.80
CA ILE A 221 -5.61 7.21 11.68
C ILE A 221 -5.25 7.08 10.21
N ALA A 222 -3.99 7.40 9.88
CA ALA A 222 -3.57 7.47 8.49
C ALA A 222 -3.03 6.16 7.95
N LYS A 223 -2.61 5.24 8.82
CA LYS A 223 -1.95 4.02 8.37
CA LYS A 223 -1.96 4.02 8.36
C LYS A 223 -2.11 2.97 9.46
N VAL A 224 -2.28 1.72 9.05
CA VAL A 224 -2.31 0.59 9.98
CA VAL A 224 -2.30 0.59 9.98
C VAL A 224 -1.19 -0.37 9.58
N SER A 225 -0.45 -0.84 10.58
CA SER A 225 0.53 -1.90 10.39
C SER A 225 0.12 -3.03 11.30
N PHE A 226 -0.06 -4.22 10.72
CA PHE A 226 -0.66 -5.35 11.41
C PHE A 226 0.23 -6.56 11.28
N THR A 227 0.42 -7.29 12.38
CA THR A 227 1.10 -8.58 12.39
C THR A 227 0.15 -9.61 13.00
N GLY A 228 -0.04 -10.72 12.30
CA GLY A 228 -1.05 -11.68 12.71
C GLY A 228 -1.36 -12.67 11.61
N GLY A 229 -2.48 -13.38 11.78
CA GLY A 229 -2.84 -14.43 10.85
C GLY A 229 -3.43 -13.88 9.56
N VAL A 230 -3.40 -14.70 8.50
CA VAL A 230 -3.87 -14.24 7.20
CA VAL A 230 -3.88 -14.24 7.20
C VAL A 230 -5.34 -13.86 7.26
N GLU A 231 -6.17 -14.66 7.93
CA GLU A 231 -7.60 -14.38 7.90
C GLU A 231 -7.95 -13.12 8.68
N THR A 232 -7.26 -12.86 9.80
CA THR A 232 -7.48 -11.58 10.47
C THR A 232 -6.95 -10.44 9.62
N GLY A 233 -5.82 -10.66 8.96
CA GLY A 233 -5.25 -9.61 8.12
C GLY A 233 -6.18 -9.18 7.01
N LYS A 234 -6.89 -10.13 6.41
CA LYS A 234 -7.85 -9.76 5.35
C LYS A 234 -8.95 -8.87 5.91
N LYS A 235 -9.41 -9.15 7.13
CA LYS A 235 -10.42 -8.30 7.74
C LYS A 235 -9.87 -6.90 8.01
N VAL A 236 -8.62 -6.82 8.49
CA VAL A 236 -8.03 -5.52 8.82
C VAL A 236 -7.87 -4.67 7.56
N MET A 237 -7.24 -5.25 6.52
CA MET A 237 -7.01 -4.46 5.32
C MET A 237 -8.32 -4.01 4.71
N SER A 238 -9.34 -4.86 4.75
CA SER A 238 -10.65 -4.49 4.22
CA SER A 238 -10.65 -4.48 4.22
C SER A 238 -11.23 -3.29 4.96
N LEU A 239 -11.27 -3.36 6.29
CA LEU A 239 -11.84 -2.27 7.09
C LEU A 239 -10.98 -1.01 7.03
N ALA A 240 -9.65 -1.17 7.06
CA ALA A 240 -8.77 -0.01 6.96
C ALA A 240 -8.99 0.73 5.64
N GLY A 241 -9.16 -0.01 4.54
CA GLY A 241 -9.40 0.64 3.27
C GLY A 241 -10.80 1.20 3.14
N ALA A 242 -11.81 0.43 3.55
CA ALA A 242 -13.20 0.88 3.39
C ALA A 242 -13.52 2.09 4.26
N SER A 243 -12.91 2.18 5.45
CA SER A 243 -13.26 3.25 6.39
C SER A 243 -12.74 4.60 5.91
N SER A 244 -11.41 4.71 5.68
CA SER A 244 -10.86 6.01 5.34
C SER A 244 -9.67 5.94 4.39
N LEU A 245 -9.51 4.85 3.65
CA LEU A 245 -8.44 4.71 2.65
C LEU A 245 -7.05 4.85 3.28
N LYS A 246 -6.88 4.17 4.42
CA LYS A 246 -5.59 4.18 5.10
C LYS A 246 -4.53 3.45 4.28
N GLU A 247 -3.28 3.86 4.44
CA GLU A 247 -2.17 3.03 4.01
C GLU A 247 -2.09 1.80 4.93
N VAL A 248 -1.56 0.69 4.41
CA VAL A 248 -1.53 -0.56 5.15
CA VAL A 248 -1.55 -0.57 5.15
C VAL A 248 -0.21 -1.28 4.96
N THR A 249 0.32 -1.82 6.06
CA THR A 249 1.41 -2.80 6.05
C THR A 249 0.88 -4.03 6.77
N MET A 250 1.16 -5.21 6.23
CA MET A 250 0.63 -6.45 6.78
CA MET A 250 0.62 -6.46 6.76
C MET A 250 1.71 -7.53 6.73
N GLU A 251 1.95 -8.19 7.87
CA GLU A 251 2.85 -9.35 7.94
C GLU A 251 2.06 -10.52 8.50
N LEU A 252 1.87 -11.60 7.70
CA LEU A 252 0.78 -12.55 7.95
C LEU A 252 1.16 -14.04 8.01
N GLY A 253 2.36 -14.40 8.36
CA GLY A 253 2.62 -15.84 8.50
C GLY A 253 2.77 -16.53 7.16
N GLY A 254 3.09 -17.82 7.22
CA GLY A 254 3.57 -18.49 6.02
C GLY A 254 3.63 -19.99 6.19
N LYS A 255 4.10 -20.66 5.13
CA LYS A 255 4.41 -22.08 5.15
C LYS A 255 5.70 -22.21 4.35
N SER A 256 6.76 -21.68 4.92
CA SER A 256 7.97 -21.39 4.16
C SER A 256 8.77 -22.66 3.87
N PRO A 257 9.25 -22.82 2.65
CA PRO A 257 10.01 -24.03 2.29
C PRO A 257 11.50 -23.86 2.55
N LEU A 258 12.08 -24.92 3.10
CA LEU A 258 13.53 -25.06 3.23
C LEU A 258 13.94 -26.21 2.33
N ILE A 259 14.79 -25.95 1.34
CA ILE A 259 15.15 -26.96 0.34
C ILE A 259 16.57 -27.41 0.61
N VAL A 260 16.71 -28.67 1.02
CA VAL A 260 18.01 -29.30 1.29
C VAL A 260 18.38 -30.12 0.07
N PHE A 261 19.38 -29.67 -0.69
CA PHE A 261 19.78 -30.32 -1.92
C PHE A 261 20.78 -31.43 -1.66
N ASP A 262 20.98 -32.27 -2.69
CA ASP A 262 21.91 -33.39 -2.55
C ASP A 262 23.35 -32.95 -2.38
N ASP A 263 23.68 -31.68 -2.64
CA ASP A 263 25.03 -31.17 -2.40
C ASP A 263 25.06 -30.18 -1.23
N ALA A 264 24.08 -30.25 -0.34
CA ALA A 264 24.12 -29.51 0.91
C ALA A 264 25.17 -30.11 1.84
N ASP A 265 25.76 -29.25 2.67
CA ASP A 265 26.43 -29.69 3.88
C ASP A 265 25.34 -30.19 4.83
N LEU A 266 25.32 -31.50 5.11
CA LEU A 266 24.15 -32.05 5.79
C LEU A 266 24.12 -31.71 7.28
N ASP A 267 25.27 -31.52 7.91
CA ASP A 267 25.28 -31.01 9.28
C ASP A 267 24.71 -29.60 9.34
N ARG A 268 25.16 -28.73 8.43
CA ARG A 268 24.60 -27.40 8.31
C ARG A 268 23.09 -27.46 8.07
N ALA A 269 22.65 -28.31 7.13
CA ALA A 269 21.24 -28.40 6.81
C ALA A 269 20.41 -28.85 8.00
N ALA A 270 20.91 -29.82 8.78
CA ALA A 270 20.15 -30.30 9.93
C ALA A 270 20.07 -29.25 11.02
N ASP A 271 21.18 -28.54 11.26
CA ASP A 271 21.16 -27.43 12.21
C ASP A 271 20.14 -26.38 11.80
N ILE A 272 20.15 -26.00 10.52
CA ILE A 272 19.20 -25.00 10.03
C ILE A 272 17.77 -25.48 10.21
N ALA A 273 17.50 -26.73 9.81
CA ALA A 273 16.14 -27.25 9.86
C ALA A 273 15.61 -27.22 11.30
N VAL A 274 16.45 -27.59 12.26
CA VAL A 274 15.99 -27.61 13.65
C VAL A 274 15.71 -26.19 14.14
N THR A 275 16.65 -25.26 13.93
CA THR A 275 16.40 -23.86 14.28
C THR A 275 15.12 -23.36 13.63
N ALA A 276 14.98 -23.64 12.33
CA ALA A 276 13.89 -23.12 11.53
C ALA A 276 12.55 -23.72 11.89
N ASN A 277 12.52 -24.72 12.78
CA ASN A 277 11.25 -25.31 13.17
C ASN A 277 10.95 -25.23 14.66
N PHE A 278 11.95 -25.07 15.52
CA PHE A 278 11.70 -25.21 16.95
C PHE A 278 12.11 -24.01 17.79
N PHE A 279 12.71 -22.98 17.21
CA PHE A 279 12.95 -21.76 17.96
C PHE A 279 11.61 -21.16 18.38
N SER A 280 11.58 -20.56 19.58
CA SER A 280 10.35 -19.97 20.13
C SER A 280 9.21 -20.99 20.14
N ALA A 281 9.54 -22.23 20.48
CA ALA A 281 8.60 -23.37 20.49
C ALA A 281 7.79 -23.46 19.19
N GLY A 282 8.45 -23.13 18.07
CA GLY A 282 7.81 -23.20 16.78
C GLY A 282 6.91 -22.05 16.42
N GLN A 283 6.90 -20.98 17.20
CA GLN A 283 5.95 -19.89 17.02
C GLN A 283 6.61 -18.70 16.34
N VAL A 284 7.11 -18.93 15.13
CA VAL A 284 7.81 -17.91 14.35
C VAL A 284 7.20 -17.91 12.96
N CYS A 285 6.79 -16.72 12.49
CA CYS A 285 6.10 -16.65 11.21
C CYS A 285 6.95 -17.14 10.06
N THR A 286 8.26 -16.94 10.12
CA THR A 286 9.17 -17.27 9.02
C THR A 286 9.70 -18.68 9.08
N ASN A 287 9.18 -19.53 9.97
CA ASN A 287 9.75 -20.87 10.14
C ASN A 287 9.66 -21.70 8.86
N GLY A 288 10.70 -22.51 8.64
CA GLY A 288 10.80 -23.35 7.46
C GLY A 288 10.14 -24.69 7.68
N THR A 289 8.82 -24.68 7.68
CA THR A 289 8.01 -25.79 8.16
C THR A 289 7.72 -26.84 7.09
N ARG A 290 8.02 -26.55 5.83
CA ARG A 290 8.06 -27.57 4.78
C ARG A 290 9.54 -27.79 4.47
N VAL A 291 10.10 -28.90 4.92
CA VAL A 291 11.51 -29.20 4.73
C VAL A 291 11.59 -30.21 3.58
N PHE A 292 11.97 -29.72 2.41
CA PHE A 292 12.18 -30.54 1.22
C PHE A 292 13.60 -31.06 1.21
N VAL A 293 13.76 -32.37 1.07
CA VAL A 293 15.10 -32.96 1.07
C VAL A 293 15.25 -33.87 -0.14
N GLN A 294 16.36 -33.72 -0.85
CA GLN A 294 16.56 -34.49 -2.06
C GLN A 294 16.80 -35.95 -1.70
N GLN A 295 16.24 -36.86 -2.52
CA GLN A 295 16.11 -38.26 -2.12
C GLN A 295 17.45 -38.87 -1.72
N ALA A 296 18.53 -38.56 -2.46
CA ALA A 296 19.80 -39.24 -2.22
C ALA A 296 20.36 -38.96 -0.83
N VAL A 297 20.00 -37.84 -0.21
CA VAL A 297 20.50 -37.48 1.11
C VAL A 297 19.41 -37.54 2.17
N LYS A 298 18.22 -38.04 1.83
CA LYS A 298 17.10 -37.98 2.76
C LYS A 298 17.40 -38.70 4.07
N ASP A 299 17.84 -39.96 4.00
CA ASP A 299 18.02 -40.74 5.21
C ASP A 299 19.11 -40.15 6.10
N ALA A 300 20.23 -39.73 5.51
CA ALA A 300 21.32 -39.17 6.29
C ALA A 300 20.91 -37.84 6.91
N PHE A 301 20.15 -37.03 6.17
CA PHE A 301 19.64 -35.77 6.71
C PHE A 301 18.68 -36.02 7.88
N VAL A 302 17.73 -36.94 7.70
CA VAL A 302 16.76 -37.20 8.77
C VAL A 302 17.45 -37.69 10.03
N GLU A 303 18.45 -38.57 9.89
CA GLU A 303 19.17 -39.05 11.07
C GLU A 303 19.79 -37.89 11.84
N ARG A 304 20.40 -36.94 11.13
CA ARG A 304 21.02 -35.80 11.79
C ARG A 304 19.98 -34.89 12.44
N VAL A 305 18.85 -34.65 11.77
CA VAL A 305 17.77 -33.85 12.36
C VAL A 305 17.30 -34.49 13.66
N LEU A 306 17.01 -35.79 13.63
CA LEU A 306 16.47 -36.43 14.82
C LEU A 306 17.48 -36.44 15.97
N ALA A 307 18.78 -36.58 15.67
CA ALA A 307 19.78 -36.53 16.72
C ALA A 307 19.79 -35.16 17.42
N ARG A 308 19.62 -34.10 16.64
CA ARG A 308 19.57 -32.76 17.22
C ARG A 308 18.28 -32.53 17.98
N VAL A 309 17.15 -33.00 17.43
CA VAL A 309 15.88 -32.83 18.12
C VAL A 309 15.91 -33.53 19.48
N ALA A 310 16.56 -34.70 19.56
CA ALA A 310 16.64 -35.43 20.82
C ALA A 310 17.46 -34.68 21.88
N ARG A 311 18.30 -33.73 21.47
CA ARG A 311 19.10 -32.94 22.40
C ARG A 311 18.48 -31.59 22.74
N ILE A 312 17.29 -31.28 22.21
CA ILE A 312 16.60 -30.07 22.64
C ILE A 312 16.32 -30.14 24.13
N ARG A 313 16.51 -29.01 24.83
CA ARG A 313 16.36 -28.98 26.29
C ARG A 313 14.99 -28.39 26.60
N VAL A 314 13.99 -29.27 26.67
CA VAL A 314 12.62 -28.88 27.00
C VAL A 314 12.51 -28.70 28.50
N GLY A 315 11.98 -27.56 28.93
CA GLY A 315 11.90 -27.31 30.35
C GLY A 315 11.20 -26.02 30.68
N LYS A 316 11.30 -25.62 31.95
CA LYS A 316 10.72 -24.37 32.39
C LYS A 316 11.38 -23.22 31.67
N PRO A 317 10.62 -22.29 31.10
CA PRO A 317 11.26 -21.16 30.40
C PRO A 317 11.98 -20.20 31.34
N SER A 318 11.72 -20.24 32.65
CA SER A 318 12.44 -19.39 33.59
C SER A 318 13.82 -19.92 33.93
N ASP A 319 14.13 -21.17 33.54
CA ASP A 319 15.44 -21.77 33.76
CA ASP A 319 15.44 -21.76 33.76
C ASP A 319 16.33 -21.46 32.56
N SER A 320 17.52 -20.91 32.83
CA SER A 320 18.40 -20.48 31.73
C SER A 320 18.90 -21.64 30.88
N ASP A 321 18.86 -22.87 31.39
CA ASP A 321 19.29 -24.03 30.61
C ASP A 321 18.25 -24.48 29.59
N THR A 322 17.01 -24.04 29.72
CA THR A 322 15.97 -24.42 28.77
C THR A 322 16.19 -23.73 27.44
N ASN A 323 15.98 -24.46 26.33
CA ASN A 323 15.90 -23.78 25.04
C ASN A 323 14.60 -24.09 24.30
N PHE A 324 13.62 -24.70 24.97
CA PHE A 324 12.31 -24.99 24.39
C PHE A 324 11.31 -25.10 25.52
N GLY A 325 10.31 -24.22 25.53
CA GLY A 325 9.33 -24.20 26.59
C GLY A 325 7.92 -24.42 26.05
N PRO A 326 6.92 -23.88 26.73
CA PRO A 326 5.52 -24.09 26.32
C PRO A 326 5.13 -23.20 25.15
N LEU A 327 3.96 -23.48 24.60
CA LEU A 327 3.29 -22.57 23.70
C LEU A 327 2.62 -21.45 24.49
N ALA A 328 2.19 -20.40 23.78
CA ALA A 328 1.75 -19.20 24.47
C ALA A 328 0.36 -19.29 25.07
N SER A 329 -0.42 -20.36 24.79
CA SER A 329 -1.79 -20.41 25.31
C SER A 329 -2.37 -21.81 25.14
N ALA A 330 -3.47 -22.04 25.86
CA ALA A 330 -4.22 -23.29 25.69
C ALA A 330 -4.85 -23.38 24.30
N ALA A 331 -5.31 -22.26 23.74
CA ALA A 331 -5.89 -22.29 22.40
C ALA A 331 -4.85 -22.68 21.36
N GLN A 332 -3.63 -22.19 21.55
CA GLN A 332 -2.51 -22.60 20.70
C GLN A 332 -2.25 -24.09 20.80
N LEU A 333 -2.19 -24.60 22.03
CA LEU A 333 -1.93 -26.03 22.22
C LEU A 333 -3.02 -26.86 21.56
N ASP A 334 -4.30 -26.47 21.73
CA ASP A 334 -5.38 -27.24 21.14
C ASP A 334 -5.24 -27.29 19.62
N LYS A 335 -4.90 -26.15 19.01
CA LYS A 335 -4.74 -26.08 17.56
C LYS A 335 -3.58 -26.96 17.10
N VAL A 336 -2.43 -26.86 17.78
CA VAL A 336 -1.27 -27.65 17.40
C VAL A 336 -1.54 -29.13 17.57
N LEU A 337 -2.18 -29.52 18.70
CA LEU A 337 -2.50 -30.92 18.88
C LEU A 337 -3.47 -31.42 17.82
N GLY A 338 -4.42 -30.58 17.40
CA GLY A 338 -5.31 -30.98 16.31
C GLY A 338 -4.58 -31.21 15.01
N TYR A 339 -3.57 -30.38 14.72
CA TYR A 339 -2.75 -30.60 13.54
C TYR A 339 -1.97 -31.90 13.64
N ILE A 340 -1.44 -32.21 14.82
CA ILE A 340 -0.73 -33.48 14.98
C ILE A 340 -1.68 -34.66 14.74
N ASP A 341 -2.90 -34.57 15.28
CA ASP A 341 -3.91 -35.60 15.00
C ASP A 341 -4.15 -35.73 13.50
N SER A 342 -4.26 -34.59 12.81
CA SER A 342 -4.49 -34.60 11.37
C SER A 342 -3.36 -35.26 10.61
N GLY A 343 -2.11 -34.88 10.94
CA GLY A 343 -0.96 -35.47 10.28
C GLY A 343 -0.91 -36.97 10.45
N LYS A 344 -1.17 -37.46 11.66
CA LYS A 344 -1.18 -38.90 11.88
C LYS A 344 -2.27 -39.57 11.05
N ALA A 345 -3.48 -39.00 11.08
CA ALA A 345 -4.59 -39.61 10.37
C ALA A 345 -4.34 -39.66 8.87
N GLU A 346 -3.78 -38.59 8.29
CA GLU A 346 -3.57 -38.55 6.85
C GLU A 346 -2.35 -39.33 6.41
N GLY A 347 -1.60 -39.92 7.35
CA GLY A 347 -0.58 -40.89 7.03
C GLY A 347 0.86 -40.40 7.17
N ALA A 348 1.09 -39.20 7.69
CA ALA A 348 2.45 -38.75 7.92
C ALA A 348 3.11 -39.62 8.98
N LYS A 349 4.39 -39.92 8.79
CA LYS A 349 5.09 -40.84 9.67
C LYS A 349 5.68 -40.05 10.85
N LEU A 350 5.24 -40.37 12.06
CA LEU A 350 5.72 -39.66 13.24
C LEU A 350 7.15 -40.12 13.53
N LEU A 351 8.10 -39.18 13.50
CA LEU A 351 9.50 -39.51 13.73
C LEU A 351 10.00 -39.05 15.10
N ALA A 352 9.36 -38.05 15.70
CA ALA A 352 9.77 -37.49 16.97
C ALA A 352 8.59 -36.73 17.55
N GLY A 353 8.48 -36.74 18.88
CA GLY A 353 7.46 -35.93 19.52
C GLY A 353 6.06 -36.47 19.29
N GLY A 354 5.10 -35.55 19.12
CA GLY A 354 3.74 -35.91 18.77
C GLY A 354 2.71 -35.79 19.87
N ALA A 355 3.07 -35.30 21.06
CA ALA A 355 2.10 -35.28 22.14
C ALA A 355 2.40 -34.18 23.14
N ARG A 356 1.38 -33.86 23.94
CA ARG A 356 1.54 -32.95 25.06
C ARG A 356 2.42 -33.55 26.13
N LEU A 357 3.23 -32.71 26.78
CA LEU A 357 4.01 -33.13 27.93
CA LEU A 357 4.02 -33.11 27.94
C LEU A 357 3.22 -32.82 29.19
N VAL A 358 2.95 -33.85 30.00
CA VAL A 358 2.09 -33.64 31.14
C VAL A 358 2.68 -34.17 32.45
N ASN A 359 3.94 -34.58 32.44
CA ASN A 359 4.56 -35.06 33.66
C ASN A 359 5.02 -33.89 34.53
N ASP A 360 4.92 -34.07 35.85
CA ASP A 360 5.46 -33.13 36.84
C ASP A 360 4.96 -31.72 36.52
N HIS A 361 5.81 -30.70 36.53
CA HIS A 361 5.36 -29.32 36.35
C HIS A 361 4.80 -29.05 34.97
N PHE A 362 5.11 -29.89 33.97
CA PHE A 362 4.63 -29.63 32.60
C PHE A 362 3.11 -29.63 32.55
N ALA A 363 2.46 -30.36 33.47
CA ALA A 363 1.00 -30.44 33.45
C ALA A 363 0.36 -29.07 33.68
N SER A 364 1.05 -28.16 34.36
CA SER A 364 0.52 -26.84 34.65
C SER A 364 0.77 -25.83 33.54
N GLY A 365 1.46 -26.25 32.48
CA GLY A 365 1.71 -25.37 31.36
C GLY A 365 1.16 -25.90 30.06
N GLN A 366 1.50 -25.25 28.96
CA GLN A 366 0.97 -25.60 27.64
C GLN A 366 2.09 -26.15 26.76
N TYR A 367 2.59 -27.33 27.12
CA TYR A 367 3.80 -27.88 26.50
C TYR A 367 3.46 -28.97 25.48
N VAL A 368 3.99 -28.80 24.27
CA VAL A 368 3.92 -29.81 23.21
CA VAL A 368 3.93 -29.85 23.26
C VAL A 368 5.36 -30.18 22.82
N ALA A 369 5.63 -31.47 22.70
CA ALA A 369 6.99 -31.91 22.36
C ALA A 369 7.39 -31.42 20.97
N PRO A 370 8.69 -31.17 20.76
CA PRO A 370 9.17 -30.92 19.39
C PRO A 370 8.82 -32.11 18.52
N THR A 371 8.09 -31.85 17.44
CA THR A 371 7.47 -32.92 16.64
C THR A 371 7.99 -32.89 15.22
N VAL A 372 8.31 -34.08 14.70
CA VAL A 372 8.81 -34.25 13.34
C VAL A 372 7.97 -35.31 12.64
N PHE A 373 7.43 -34.96 11.47
CA PHE A 373 6.76 -35.89 10.58
C PHE A 373 7.60 -36.13 9.33
N GLY A 374 7.66 -37.40 8.91
CA GLY A 374 8.31 -37.76 7.66
C GLY A 374 7.31 -38.35 6.68
N ASP A 375 7.78 -38.56 5.45
CA ASP A 375 6.95 -39.13 4.39
C ASP A 375 5.68 -38.30 4.18
N CYS A 376 5.83 -36.97 4.23
CA CYS A 376 4.68 -36.10 4.05
C CYS A 376 4.35 -35.95 2.57
N ARG A 377 3.11 -35.52 2.31
CA ARG A 377 2.62 -35.27 0.96
C ARG A 377 2.10 -33.83 0.88
N ASP A 378 2.15 -33.27 -0.34
CA ASP A 378 1.76 -31.88 -0.52
C ASP A 378 0.30 -31.63 -0.17
N ASP A 379 -0.55 -32.67 -0.29
CA ASP A 379 -1.97 -32.48 -0.04
C ASP A 379 -2.35 -32.56 1.43
N MET A 380 -1.42 -32.94 2.31
CA MET A 380 -1.77 -33.06 3.72
C MET A 380 -2.08 -31.70 4.32
N ARG A 381 -3.06 -31.69 5.24
CA ARG A 381 -3.37 -30.46 5.98
C ARG A 381 -2.14 -29.91 6.69
N ILE A 382 -1.31 -30.78 7.31
CA ILE A 382 -0.13 -30.26 8.01
C ILE A 382 0.89 -29.64 7.06
N VAL A 383 0.86 -30.00 5.77
CA VAL A 383 1.78 -29.42 4.81
C VAL A 383 1.19 -28.15 4.18
N ARG A 384 -0.13 -28.10 3.99
CA ARG A 384 -0.76 -26.96 3.33
C ARG A 384 -0.97 -25.78 4.28
N GLU A 385 -1.17 -26.01 5.57
CA GLU A 385 -1.62 -24.98 6.49
C GLU A 385 -0.54 -24.62 7.50
N GLU A 386 -0.44 -23.33 7.82
CA GLU A 386 0.44 -22.90 8.90
C GLU A 386 -0.05 -23.44 10.23
N ILE A 387 0.85 -24.12 10.94
CA ILE A 387 0.50 -24.71 12.23
C ILE A 387 0.82 -23.76 13.38
N PHE A 388 1.88 -22.96 13.24
CA PHE A 388 2.36 -22.04 14.29
C PHE A 388 2.64 -22.80 15.58
N GLY A 389 3.31 -23.93 15.43
CA GLY A 389 3.77 -24.71 16.56
C GLY A 389 4.95 -25.53 16.13
N PRO A 390 5.47 -26.36 17.03
CA PRO A 390 6.73 -27.10 16.77
C PRO A 390 6.48 -28.40 16.02
N VAL A 391 6.19 -28.29 14.73
CA VAL A 391 5.82 -29.44 13.88
C VAL A 391 6.53 -29.29 12.54
N MET A 392 7.57 -30.07 12.33
CA MET A 392 8.32 -30.08 11.07
C MET A 392 7.72 -31.14 10.14
N SER A 393 7.49 -30.77 8.87
CA SER A 393 7.06 -31.72 7.85
C SER A 393 8.19 -31.92 6.87
N ILE A 394 8.66 -33.17 6.73
CA ILE A 394 9.77 -33.50 5.83
C ILE A 394 9.21 -34.14 4.57
N LEU A 395 9.57 -33.58 3.41
CA LEU A 395 9.09 -34.00 2.10
C LEU A 395 10.26 -34.35 1.20
N SER A 396 10.26 -35.55 0.63
CA SER A 396 11.33 -35.90 -0.30
C SER A 396 11.04 -35.37 -1.70
N PHE A 397 12.11 -35.10 -2.46
CA PHE A 397 11.97 -34.74 -3.87
C PHE A 397 13.11 -35.34 -4.66
N GLU A 398 12.94 -35.43 -5.98
CA GLU A 398 13.95 -35.99 -6.85
C GLU A 398 14.77 -34.92 -7.58
N THR A 399 14.13 -33.90 -8.14
CA THR A 399 14.83 -32.93 -8.98
C THR A 399 14.68 -31.51 -8.46
N GLU A 400 15.62 -30.66 -8.86
CA GLU A 400 15.58 -29.25 -8.48
C GLU A 400 14.32 -28.58 -9.01
N ASP A 401 13.94 -28.85 -10.26
CA ASP A 401 12.74 -28.24 -10.81
C ASP A 401 11.51 -28.63 -10.01
N GLU A 402 11.46 -29.90 -9.57
CA GLU A 402 10.35 -30.38 -8.77
C GLU A 402 10.29 -29.67 -7.43
N ALA A 403 11.43 -29.56 -6.73
CA ALA A 403 11.44 -28.88 -5.44
C ALA A 403 10.95 -27.44 -5.56
N ILE A 404 11.40 -26.73 -6.60
CA ILE A 404 11.02 -25.33 -6.75
C ILE A 404 9.52 -25.19 -7.06
N ALA A 405 9.01 -26.05 -7.95
CA ALA A 405 7.59 -26.01 -8.26
C ALA A 405 6.74 -26.28 -7.03
N ARG A 406 7.11 -27.30 -6.25
CA ARG A 406 6.31 -27.66 -5.09
C ARG A 406 6.46 -26.61 -3.99
N ALA A 407 7.66 -26.05 -3.83
CA ALA A 407 7.85 -24.98 -2.86
C ALA A 407 6.97 -23.79 -3.17
N ASN A 408 6.79 -23.48 -4.46
CA ASN A 408 6.00 -22.33 -4.86
C ASN A 408 4.50 -22.58 -4.88
N ALA A 409 4.07 -23.84 -4.78
CA ALA A 409 2.66 -24.21 -4.95
C ALA A 409 1.92 -24.00 -3.63
N THR A 410 1.74 -22.72 -3.29
CA THR A 410 1.12 -22.29 -2.05
C THR A 410 0.66 -20.85 -2.23
N ASP A 411 -0.37 -20.46 -1.49
CA ASP A 411 -0.75 -19.05 -1.44
C ASP A 411 0.06 -18.26 -0.43
N TYR A 412 0.85 -18.93 0.42
CA TYR A 412 1.79 -18.22 1.29
C TYR A 412 3.00 -17.78 0.49
N GLY A 413 3.81 -16.91 1.08
CA GLY A 413 5.00 -16.43 0.39
C GLY A 413 5.91 -15.61 1.27
N LEU A 414 6.02 -15.99 2.55
CA LEU A 414 6.79 -15.17 3.48
C LEU A 414 8.29 -15.38 3.31
N ALA A 415 8.76 -16.59 3.55
CA ALA A 415 10.19 -16.86 3.51
C ALA A 415 10.47 -18.12 2.70
N ALA A 416 11.74 -18.31 2.39
CA ALA A 416 12.20 -19.51 1.72
C ALA A 416 13.71 -19.61 1.92
N GLY A 417 14.25 -20.80 1.75
CA GLY A 417 15.69 -20.95 1.89
C GLY A 417 16.18 -22.22 1.24
N VAL A 418 17.48 -22.21 0.92
CA VAL A 418 18.13 -23.37 0.32
C VAL A 418 19.41 -23.67 1.06
N VAL A 419 19.76 -24.95 1.08
CA VAL A 419 21.06 -25.39 1.58
C VAL A 419 21.74 -26.13 0.44
N THR A 420 22.88 -25.60 -0.01
CA THR A 420 23.65 -26.17 -1.10
C THR A 420 25.03 -25.54 -1.07
N GLU A 421 26.04 -26.33 -1.42
CA GLU A 421 27.39 -25.78 -1.52
C GLU A 421 27.68 -25.17 -2.88
N ASN A 422 26.76 -25.32 -3.84
CA ASN A 422 27.02 -24.92 -5.23
C ASN A 422 26.61 -23.47 -5.49
N LEU A 423 27.53 -22.71 -6.07
CA LEU A 423 27.28 -21.29 -6.34
C LEU A 423 26.07 -21.09 -7.25
N SER A 424 26.06 -21.75 -8.41
CA SER A 424 24.98 -21.55 -9.37
C SER A 424 23.64 -21.97 -8.79
N ARG A 425 23.58 -23.15 -8.17
CA ARG A 425 22.30 -23.65 -7.66
C ARG A 425 21.74 -22.73 -6.59
N ALA A 426 22.61 -22.24 -5.70
CA ALA A 426 22.13 -21.40 -4.59
C ALA A 426 21.36 -20.19 -5.10
N HIS A 427 21.95 -19.42 -6.01
CA HIS A 427 21.29 -18.22 -6.47
C HIS A 427 20.16 -18.53 -7.45
N ARG A 428 20.37 -19.48 -8.37
CA ARG A 428 19.31 -19.72 -9.35
C ARG A 428 18.05 -20.24 -8.70
N ALA A 429 18.19 -21.07 -7.66
CA ALA A 429 16.99 -21.55 -6.97
C ALA A 429 16.30 -20.44 -6.20
N ILE A 430 17.08 -19.64 -5.44
CA ILE A 430 16.49 -18.53 -4.67
C ILE A 430 15.77 -17.55 -5.59
N HIS A 431 16.32 -17.27 -6.77
CA HIS A 431 15.67 -16.31 -7.66
C HIS A 431 14.32 -16.80 -8.15
N ARG A 432 14.09 -18.11 -8.16
CA ARG A 432 12.84 -18.69 -8.61
C ARG A 432 11.82 -18.93 -7.50
N LEU A 433 12.21 -18.78 -6.24
CA LEU A 433 11.29 -19.03 -5.12
C LEU A 433 10.47 -17.79 -4.81
N GLU A 434 9.15 -17.96 -4.72
CA GLU A 434 8.22 -16.83 -4.60
C GLU A 434 8.00 -16.45 -3.13
N ALA A 435 9.02 -15.83 -2.55
CA ALA A 435 8.97 -15.40 -1.16
C ALA A 435 9.77 -14.12 -0.99
N GLY A 436 9.37 -13.32 0.00
CA GLY A 436 10.02 -12.04 0.21
C GLY A 436 11.30 -12.10 1.03
N ILE A 437 11.50 -13.18 1.79
CA ILE A 437 12.60 -13.30 2.74
C ILE A 437 13.32 -14.59 2.41
N CYS A 438 14.54 -14.50 1.85
CA CYS A 438 15.22 -15.68 1.33
C CYS A 438 16.60 -15.86 1.95
N TRP A 439 16.90 -17.10 2.34
CA TRP A 439 18.13 -17.41 3.06
C TRP A 439 18.92 -18.48 2.31
N ILE A 440 20.23 -18.28 2.17
CA ILE A 440 21.13 -19.26 1.58
C ILE A 440 22.09 -19.75 2.65
N ASN A 441 22.01 -21.05 2.98
CA ASN A 441 22.92 -21.70 3.93
C ASN A 441 22.84 -21.10 5.34
N THR A 442 21.66 -20.58 5.68
CA THR A 442 21.34 -20.06 7.01
C THR A 442 19.81 -19.97 7.09
N TRP A 443 19.32 -19.54 8.25
CA TRP A 443 17.90 -19.28 8.39
C TRP A 443 17.70 -18.33 9.56
N GLY A 444 16.71 -17.45 9.44
CA GLY A 444 16.14 -16.78 10.58
C GLY A 444 16.66 -15.40 10.90
N GLU A 445 17.88 -15.03 10.48
CA GLU A 445 18.41 -13.71 10.81
CA GLU A 445 18.40 -13.72 10.82
C GLU A 445 17.64 -12.65 10.05
N SER A 446 17.33 -11.55 10.74
CA SER A 446 16.51 -10.47 10.17
C SER A 446 17.16 -9.13 10.49
N PRO A 447 18.28 -8.83 9.84
CA PRO A 447 19.03 -7.60 10.16
C PRO A 447 18.20 -6.35 9.91
N ALA A 448 18.49 -5.30 10.69
CA ALA A 448 17.75 -4.05 10.54
C ALA A 448 17.82 -3.50 9.13
N GLU A 449 18.90 -3.78 8.39
CA GLU A 449 19.08 -3.27 7.03
C GLU A 449 18.24 -4.00 6.00
N MET A 450 17.68 -5.16 6.33
CA MET A 450 17.09 -6.05 5.34
C MET A 450 15.57 -5.92 5.32
N PRO A 451 14.95 -5.42 4.25
CA PRO A 451 13.49 -5.37 4.20
C PRO A 451 12.91 -6.78 4.25
N VAL A 452 11.89 -6.95 5.09
CA VAL A 452 11.26 -8.26 5.25
C VAL A 452 9.74 -8.13 5.17
N GLY A 453 9.13 -9.10 4.51
CA GLY A 453 7.69 -9.13 4.35
C GLY A 453 7.35 -10.17 3.31
N GLY A 454 6.06 -10.29 3.04
CA GLY A 454 5.55 -11.42 2.29
C GLY A 454 5.19 -11.13 0.84
N TYR A 455 5.37 -12.15 0.01
CA TYR A 455 4.72 -12.31 -1.28
C TYR A 455 3.33 -12.89 -1.07
N LYS A 456 2.46 -12.70 -2.07
CA LYS A 456 1.17 -13.41 -2.17
C LYS A 456 0.36 -13.10 -0.92
N GLN A 457 -0.22 -14.10 -0.24
CA GLN A 457 -1.12 -13.81 0.87
C GLN A 457 -0.39 -13.69 2.19
N SER A 458 0.94 -13.72 2.19
CA SER A 458 1.72 -13.55 3.41
C SER A 458 1.98 -12.09 3.77
N GLY A 459 1.59 -11.14 2.95
CA GLY A 459 1.73 -9.77 3.42
C GLY A 459 1.55 -8.74 2.34
N VAL A 460 1.53 -7.48 2.81
CA VAL A 460 1.56 -6.29 1.97
C VAL A 460 2.60 -5.35 2.59
N GLY A 461 3.46 -4.77 1.76
CA GLY A 461 4.50 -3.91 2.29
C GLY A 461 5.60 -4.67 3.00
N ARG A 462 6.48 -3.90 3.65
CA ARG A 462 7.68 -4.46 4.26
C ARG A 462 7.94 -3.77 5.59
N GLU A 463 8.80 -4.41 6.39
CA GLU A 463 9.40 -3.82 7.57
C GLU A 463 10.91 -3.87 7.45
N ASN A 464 11.57 -2.93 8.16
CA ASN A 464 13.03 -2.80 8.21
C ASN A 464 13.62 -2.33 6.88
N GLY A 465 14.91 -1.99 6.90
CA GLY A 465 15.56 -1.40 5.75
C GLY A 465 15.19 0.06 5.53
N ILE A 466 15.99 0.72 4.68
CA ILE A 466 15.75 2.13 4.38
C ILE A 466 14.36 2.32 3.76
N THR A 467 13.95 1.40 2.87
CA THR A 467 12.69 1.58 2.14
C THR A 467 11.49 1.67 3.07
N THR A 468 11.55 1.02 4.24
CA THR A 468 10.39 1.02 5.13
C THR A 468 10.21 2.38 5.79
N LEU A 469 11.32 3.05 6.13
CA LEU A 469 11.22 4.41 6.63
C LEU A 469 10.53 5.30 5.60
N GLU A 470 10.81 5.04 4.32
CA GLU A 470 10.23 5.86 3.27
CA GLU A 470 10.23 5.82 3.24
C GLU A 470 8.70 5.73 3.23
N HIS A 471 8.15 4.56 3.53
CA HIS A 471 6.71 4.30 3.52
CA HIS A 471 6.68 4.51 3.45
C HIS A 471 6.00 4.69 4.82
N TYR A 472 6.68 5.35 5.75
CA TYR A 472 6.03 6.03 6.86
C TYR A 472 6.00 7.55 6.63
N THR A 473 6.17 7.96 5.38
CA THR A 473 5.96 9.32 4.94
C THR A 473 5.02 9.29 3.73
N ARG A 474 4.40 10.42 3.46
CA ARG A 474 3.61 10.61 2.25
C ARG A 474 4.29 11.66 1.39
N ILE A 475 4.21 11.47 0.07
CA ILE A 475 4.89 12.34 -0.88
C ILE A 475 4.00 13.54 -1.21
N LYS A 476 4.54 14.73 -1.03
CA LYS A 476 3.94 15.96 -1.54
C LYS A 476 4.82 16.46 -2.68
N SER A 477 4.25 16.58 -3.87
CA SER A 477 4.99 17.14 -5.01
C SER A 477 4.65 18.61 -5.12
N VAL A 478 5.66 19.46 -5.29
CA VAL A 478 5.48 20.90 -5.41
C VAL A 478 6.07 21.33 -6.74
N GLN A 479 5.23 21.85 -7.63
CA GLN A 479 5.71 22.46 -8.87
C GLN A 479 5.78 23.98 -8.70
N VAL A 480 6.96 24.54 -8.93
CA VAL A 480 7.17 25.99 -8.86
C VAL A 480 7.23 26.53 -10.27
N GLU A 481 6.29 27.43 -10.62
CA GLU A 481 6.32 28.11 -11.91
C GLU A 481 6.96 29.47 -11.72
N LEU A 482 8.10 29.69 -12.38
CA LEU A 482 8.83 30.95 -12.30
C LEU A 482 8.55 31.87 -13.48
N GLY A 483 7.98 31.35 -14.56
CA GLY A 483 7.69 32.13 -15.74
C GLY A 483 6.24 32.53 -15.81
N ARG A 484 5.85 33.06 -16.97
CA ARG A 484 4.48 33.47 -17.20
C ARG A 484 3.59 32.25 -17.32
N TYR A 485 2.43 32.31 -16.65
CA TYR A 485 1.42 31.27 -16.84
C TYR A 485 0.73 31.52 -18.18
N GLN A 486 0.93 30.63 -19.14
CA GLN A 486 0.33 30.81 -20.45
C GLN A 486 -1.14 30.47 -20.36
N PRO A 487 -2.03 31.40 -20.67
CA PRO A 487 -3.47 31.13 -20.53
C PRO A 487 -3.90 29.95 -21.39
N VAL A 488 -4.65 29.04 -20.78
CA VAL A 488 -5.23 27.95 -21.56
C VAL A 488 -6.55 28.37 -22.19
N PHE A 489 -7.35 29.16 -21.46
CA PHE A 489 -8.54 29.81 -22.00
C PHE A 489 -8.16 31.24 -22.33
N GLY A 490 -7.86 31.49 -23.61
CA GLY A 490 -7.44 32.81 -24.05
C GLY A 490 -8.50 33.56 -24.84
N SER B 2 -24.55 2.08 -35.62
CA SER B 2 -23.50 2.59 -34.75
C SER B 2 -22.26 2.97 -35.56
N VAL B 3 -21.55 4.00 -35.10
CA VAL B 3 -20.43 4.55 -35.87
C VAL B 3 -19.33 3.52 -36.03
N TYR B 4 -18.91 2.91 -34.93
CA TYR B 4 -17.75 2.02 -34.92
C TYR B 4 -18.13 0.55 -34.86
N GLY B 5 -19.42 0.24 -34.92
CA GLY B 5 -19.84 -1.15 -35.03
C GLY B 5 -19.92 -1.90 -33.72
N LEU B 6 -19.48 -3.15 -33.73
CA LEU B 6 -19.42 -3.99 -32.54
C LEU B 6 -17.97 -4.08 -32.08
N GLN B 7 -17.72 -3.70 -30.83
CA GLN B 7 -16.40 -3.84 -30.26
C GLN B 7 -16.42 -4.86 -29.13
N ARG B 8 -15.28 -5.45 -28.85
CA ARG B 8 -15.23 -6.70 -28.08
C ARG B 8 -14.11 -6.61 -27.05
N LEU B 9 -13.61 -7.77 -26.62
CA LEU B 9 -12.51 -7.84 -25.68
C LEU B 9 -11.19 -7.90 -26.44
N TYR B 10 -10.08 -7.72 -25.72
CA TYR B 10 -8.76 -7.90 -26.32
C TYR B 10 -7.97 -8.79 -25.38
N ILE B 11 -7.81 -10.05 -25.76
CA ILE B 11 -7.13 -11.05 -24.95
C ILE B 11 -6.17 -11.82 -25.83
N ALA B 12 -4.95 -12.04 -25.32
CA ALA B 12 -3.96 -12.91 -25.96
C ALA B 12 -3.62 -12.41 -27.37
N GLY B 13 -3.42 -11.10 -27.50
CA GLY B 13 -2.92 -10.54 -28.74
C GLY B 13 -3.93 -10.39 -29.86
N ALA B 14 -5.23 -10.42 -29.55
CA ALA B 14 -6.24 -10.31 -30.59
C ALA B 14 -7.56 -9.84 -30.00
N HIS B 15 -8.39 -9.24 -30.84
CA HIS B 15 -9.78 -9.03 -30.45
C HIS B 15 -10.48 -10.36 -30.29
N ALA B 16 -11.37 -10.45 -29.29
CA ALA B 16 -11.95 -11.73 -28.95
C ALA B 16 -13.39 -11.55 -28.48
N ASP B 17 -14.23 -12.48 -28.88
CA ASP B 17 -15.62 -12.53 -28.43
C ASP B 17 -15.70 -12.74 -26.93
N ALA B 18 -16.56 -11.97 -26.28
CA ALA B 18 -16.91 -12.25 -24.88
C ALA B 18 -17.83 -13.46 -24.81
N THR B 19 -18.04 -13.97 -23.58
CA THR B 19 -18.92 -15.11 -23.37
C THR B 19 -20.01 -14.80 -22.35
N SER B 20 -20.42 -13.54 -22.26
CA SER B 20 -21.49 -13.13 -21.36
C SER B 20 -22.87 -13.12 -22.01
N GLY B 21 -22.94 -12.99 -23.33
CA GLY B 21 -24.21 -12.74 -23.98
C GLY B 21 -24.76 -11.35 -23.75
N LYS B 22 -23.96 -10.43 -23.21
CA LYS B 22 -24.41 -9.09 -22.88
C LYS B 22 -23.55 -8.05 -23.59
N THR B 23 -24.18 -6.93 -23.96
CA THR B 23 -23.47 -5.78 -24.50
C THR B 23 -23.94 -4.53 -23.77
N PHE B 24 -23.15 -3.47 -23.91
CA PHE B 24 -23.54 -2.15 -23.45
C PHE B 24 -23.21 -1.15 -24.55
N ASP B 25 -23.84 0.02 -24.46
CA ASP B 25 -23.72 1.05 -25.48
C ASP B 25 -22.79 2.16 -25.01
N THR B 26 -21.98 2.69 -25.92
CA THR B 26 -21.31 3.95 -25.70
C THR B 26 -21.77 4.98 -26.73
N PHE B 27 -21.96 6.21 -26.27
CA PHE B 27 -22.52 7.29 -27.07
C PHE B 27 -21.54 8.44 -27.20
N ASP B 28 -21.78 9.25 -28.21
CA ASP B 28 -21.16 10.56 -28.35
C ASP B 28 -21.99 11.54 -27.53
N PRO B 29 -21.48 12.07 -26.41
CA PRO B 29 -22.31 12.91 -25.56
C PRO B 29 -22.59 14.28 -26.14
N ALA B 30 -21.97 14.65 -27.26
CA ALA B 30 -22.34 15.88 -27.95
C ALA B 30 -23.59 15.73 -28.81
N THR B 31 -23.91 14.51 -29.25
CA THR B 31 -24.97 14.32 -30.24
C THR B 31 -25.95 13.23 -29.90
N GLY B 32 -25.64 12.36 -28.94
CA GLY B 32 -26.47 11.20 -28.71
C GLY B 32 -26.30 10.10 -29.73
N GLU B 33 -25.35 10.22 -30.66
CA GLU B 33 -25.14 9.17 -31.62
CA GLU B 33 -25.12 9.16 -31.62
C GLU B 33 -24.55 7.94 -30.93
N LEU B 34 -25.06 6.76 -31.29
CA LEU B 34 -24.47 5.53 -30.78
C LEU B 34 -23.11 5.31 -31.45
N LEU B 35 -22.07 5.23 -30.64
CA LEU B 35 -20.73 5.01 -31.19
C LEU B 35 -20.43 3.52 -31.35
N ALA B 36 -20.85 2.70 -30.39
CA ALA B 36 -20.59 1.28 -30.52
C ALA B 36 -21.45 0.50 -29.53
N ARG B 37 -21.77 -0.72 -29.91
CA ARG B 37 -22.16 -1.75 -28.96
C ARG B 37 -20.88 -2.47 -28.56
N VAL B 38 -20.71 -2.71 -27.25
CA VAL B 38 -19.49 -3.30 -26.73
C VAL B 38 -19.85 -4.53 -25.91
N GLN B 39 -19.17 -5.65 -26.19
CA GLN B 39 -19.43 -6.86 -25.44
C GLN B 39 -18.88 -6.76 -24.02
N GLN B 40 -19.65 -7.24 -23.05
CA GLN B 40 -19.22 -7.23 -21.67
C GLN B 40 -18.54 -8.55 -21.31
N ALA B 41 -17.40 -8.46 -20.66
CA ALA B 41 -16.69 -9.67 -20.23
C ALA B 41 -17.49 -10.43 -19.17
N SER B 42 -17.51 -11.75 -19.29
CA SER B 42 -18.00 -12.64 -18.25
C SER B 42 -16.90 -13.00 -17.26
N ALA B 43 -17.29 -13.68 -16.18
CA ALA B 43 -16.32 -14.19 -15.22
C ALA B 43 -15.34 -15.15 -15.90
N ASP B 44 -15.83 -16.00 -16.79
CA ASP B 44 -14.94 -16.88 -17.55
C ASP B 44 -13.95 -16.07 -18.38
N ASP B 45 -14.42 -14.97 -18.99
CA ASP B 45 -13.52 -14.14 -19.78
C ASP B 45 -12.42 -13.52 -18.91
N VAL B 46 -12.79 -13.07 -17.70
CA VAL B 46 -11.77 -12.52 -16.82
C VAL B 46 -10.77 -13.60 -16.42
N ASP B 47 -11.27 -14.82 -16.12
CA ASP B 47 -10.36 -15.93 -15.84
C ASP B 47 -9.41 -16.18 -17.01
N ARG B 48 -9.93 -16.16 -18.23
CA ARG B 48 -9.08 -16.38 -19.40
C ARG B 48 -8.09 -15.23 -19.58
N ALA B 49 -8.52 -14.00 -19.34
CA ALA B 49 -7.58 -12.88 -19.41
C ALA B 49 -6.45 -13.02 -18.38
N VAL B 50 -6.75 -13.57 -17.19
CA VAL B 50 -5.70 -13.78 -16.20
C VAL B 50 -4.74 -14.89 -16.65
N ALA B 51 -5.28 -16.00 -17.16
CA ALA B 51 -4.40 -17.05 -17.67
C ALA B 51 -3.54 -16.54 -18.82
N SER B 52 -4.14 -15.76 -19.72
CA SER B 52 -3.38 -15.16 -20.82
C SER B 52 -2.29 -14.23 -20.30
N ALA B 53 -2.62 -13.39 -19.31
CA ALA B 53 -1.65 -12.45 -18.77
C ALA B 53 -0.51 -13.17 -18.06
N ARG B 54 -0.83 -14.25 -17.36
CA ARG B 54 0.20 -15.05 -16.69
C ARG B 54 1.20 -15.59 -17.70
N GLU B 55 0.71 -16.09 -18.83
CA GLU B 55 1.59 -16.64 -19.87
CA GLU B 55 1.60 -16.63 -19.86
C GLU B 55 2.43 -15.54 -20.51
N GLY B 56 1.79 -14.42 -20.87
CA GLY B 56 2.53 -13.34 -21.48
C GLY B 56 3.52 -12.69 -20.54
N GLN B 57 3.18 -12.60 -19.24
CA GLN B 57 4.09 -12.01 -18.29
C GLN B 57 5.39 -12.80 -18.22
N ARG B 58 5.29 -14.13 -18.33
CA ARG B 58 6.49 -14.97 -18.26
CA ARG B 58 6.50 -14.95 -18.24
C ARG B 58 7.47 -14.64 -19.38
N GLU B 59 6.94 -14.53 -20.61
CA GLU B 59 7.79 -14.20 -21.75
CA GLU B 59 7.78 -14.19 -21.76
C GLU B 59 8.36 -12.79 -21.62
N TRP B 60 7.52 -11.84 -21.20
CA TRP B 60 7.91 -10.44 -21.08
C TRP B 60 8.99 -10.26 -20.03
N ALA B 61 8.82 -10.88 -18.86
CA ALA B 61 9.79 -10.73 -17.79
C ALA B 61 11.10 -11.44 -18.09
N ALA B 62 11.08 -12.47 -18.94
CA ALA B 62 12.30 -13.17 -19.32
C ALA B 62 13.14 -12.40 -20.33
N MET B 63 12.56 -11.43 -21.03
CA MET B 63 13.33 -10.49 -21.84
C MET B 63 14.25 -9.66 -20.95
N THR B 64 15.26 -9.06 -21.58
CA THR B 64 16.07 -8.11 -20.83
C THR B 64 15.30 -6.80 -20.65
N ALA B 65 15.74 -6.02 -19.65
CA ALA B 65 15.16 -4.71 -19.44
C ALA B 65 15.26 -3.85 -20.69
N MET B 66 16.39 -3.93 -21.42
CA MET B 66 16.50 -3.12 -22.63
C MET B 66 15.58 -3.62 -23.74
N GLN B 67 15.34 -4.94 -23.82
CA GLN B 67 14.38 -5.43 -24.80
C GLN B 67 12.98 -4.86 -24.52
N ARG B 68 12.57 -4.85 -23.25
CA ARG B 68 11.30 -4.21 -22.90
C ARG B 68 11.32 -2.73 -23.23
N SER B 69 12.43 -2.05 -22.91
CA SER B 69 12.55 -0.61 -23.19
C SER B 69 12.32 -0.32 -24.67
N ARG B 70 12.96 -1.09 -25.55
CA ARG B 70 12.84 -0.85 -26.99
C ARG B 70 11.42 -1.04 -27.47
N ILE B 71 10.72 -2.04 -26.93
CA ILE B 71 9.35 -2.31 -27.37
C ILE B 71 8.42 -1.19 -26.90
N LEU B 72 8.59 -0.71 -25.66
CA LEU B 72 7.77 0.42 -25.20
C LEU B 72 8.11 1.68 -25.99
N ARG B 73 9.39 1.88 -26.34
CA ARG B 73 9.74 3.02 -27.17
C ARG B 73 9.09 2.94 -28.54
N ARG B 74 8.92 1.73 -29.09
CA ARG B 74 8.21 1.60 -30.36
C ARG B 74 6.73 1.91 -30.19
N ALA B 75 6.13 1.52 -29.06
CA ALA B 75 4.74 1.88 -28.79
C ALA B 75 4.57 3.39 -28.76
N VAL B 76 5.56 4.10 -28.18
CA VAL B 76 5.51 5.56 -28.16
C VAL B 76 5.51 6.12 -29.58
N GLU B 77 6.40 5.59 -30.44
CA GLU B 77 6.43 6.03 -31.83
C GLU B 77 5.07 5.89 -32.49
N LEU B 78 4.41 4.75 -32.29
CA LEU B 78 3.09 4.52 -32.88
C LEU B 78 2.06 5.50 -32.33
N LEU B 79 2.11 5.77 -31.03
CA LEU B 79 1.16 6.73 -30.45
C LEU B 79 1.38 8.12 -31.02
N ARG B 80 2.63 8.53 -31.20
CA ARG B 80 2.90 9.84 -31.81
C ARG B 80 2.36 9.89 -33.22
N GLU B 81 2.60 8.84 -34.00
CA GLU B 81 2.16 8.80 -35.39
C GLU B 81 0.65 8.89 -35.50
N ARG B 82 -0.06 8.23 -34.58
CA ARG B 82 -1.50 8.13 -34.64
C ARG B 82 -2.21 9.12 -33.73
N ASN B 83 -1.48 10.12 -33.23
CA ASN B 83 -2.04 11.07 -32.25
C ASN B 83 -3.38 11.65 -32.71
N ASP B 84 -3.43 12.18 -33.93
CA ASP B 84 -4.63 12.90 -34.37
C ASP B 84 -5.81 11.96 -34.55
N ALA B 85 -5.58 10.76 -35.09
CA ALA B 85 -6.66 9.79 -35.25
C ALA B 85 -7.19 9.31 -33.90
N LEU B 86 -6.28 9.01 -32.97
CA LEU B 86 -6.71 8.64 -31.62
C LEU B 86 -7.40 9.81 -30.93
N ALA B 87 -6.94 11.03 -31.18
CA ALA B 87 -7.58 12.21 -30.58
C ALA B 87 -9.01 12.35 -31.07
N GLU B 88 -9.26 12.07 -32.35
CA GLU B 88 -10.63 12.13 -32.86
CA GLU B 88 -10.62 12.11 -32.88
C GLU B 88 -11.51 11.10 -32.18
N LEU B 89 -11.02 9.86 -32.03
CA LEU B 89 -11.80 8.84 -31.36
C LEU B 89 -12.10 9.24 -29.92
N GLU B 90 -11.08 9.75 -29.21
CA GLU B 90 -11.26 10.12 -27.81
C GLU B 90 -12.25 11.28 -27.67
N MET B 91 -12.21 12.22 -28.61
CA MET B 91 -13.18 13.32 -28.61
C MET B 91 -14.60 12.79 -28.79
N ARG B 92 -14.80 11.85 -29.72
CA ARG B 92 -16.14 11.29 -29.92
C ARG B 92 -16.63 10.60 -28.66
N ASP B 93 -15.77 9.82 -28.01
CA ASP B 93 -16.20 8.97 -26.90
C ASP B 93 -16.40 9.76 -25.61
N THR B 94 -15.60 10.81 -25.39
CA THR B 94 -15.66 11.58 -24.14
C THR B 94 -16.48 12.84 -24.22
N GLY B 95 -16.59 13.46 -25.41
CA GLY B 95 -17.12 14.80 -25.53
C GLY B 95 -16.14 15.91 -25.29
N LYS B 96 -14.89 15.60 -24.95
CA LYS B 96 -13.91 16.65 -24.72
C LYS B 96 -13.50 17.28 -26.06
N PRO B 97 -13.19 18.57 -26.06
CA PRO B 97 -12.87 19.25 -27.33
C PRO B 97 -11.69 18.60 -28.04
N ILE B 98 -11.78 18.55 -29.37
CA ILE B 98 -10.66 18.03 -30.15
C ILE B 98 -9.40 18.84 -29.89
N ALA B 99 -9.53 20.15 -29.60
CA ALA B 99 -8.34 20.93 -29.25
C ALA B 99 -7.66 20.39 -27.99
N GLU B 100 -8.42 19.77 -27.09
CA GLU B 100 -7.81 19.14 -25.92
C GLU B 100 -7.25 17.77 -26.27
N THR B 101 -8.04 16.92 -26.93
CA THR B 101 -7.57 15.55 -27.10
C THR B 101 -6.37 15.48 -28.03
N ARG B 102 -6.25 16.42 -28.98
CA ARG B 102 -5.10 16.44 -29.89
C ARG B 102 -3.83 16.88 -29.19
N ALA B 103 -3.94 17.67 -28.14
CA ALA B 103 -2.78 18.29 -27.49
C ALA B 103 -2.40 17.65 -26.16
N VAL B 104 -3.34 16.97 -25.49
CA VAL B 104 -3.14 16.53 -24.12
C VAL B 104 -3.20 15.01 -23.99
N ASP B 105 -4.33 14.41 -24.41
CA ASP B 105 -4.64 13.05 -23.95
C ASP B 105 -3.60 12.04 -24.42
N ILE B 106 -3.35 11.96 -25.72
CA ILE B 106 -2.36 11.01 -26.20
C ILE B 106 -0.95 11.54 -25.96
N VAL B 107 -0.73 12.85 -26.11
CA VAL B 107 0.60 13.42 -25.89
C VAL B 107 1.12 13.00 -24.52
N THR B 108 0.32 13.23 -23.47
CA THR B 108 0.80 12.97 -22.11
C THR B 108 0.71 11.50 -21.75
N GLY B 109 -0.22 10.75 -22.36
CA GLY B 109 -0.20 9.31 -22.19
C GLY B 109 1.08 8.70 -22.72
N ALA B 110 1.43 9.04 -23.96
CA ALA B 110 2.70 8.58 -24.53
C ALA B 110 3.90 9.12 -23.77
N ASP B 111 3.81 10.35 -23.23
CA ASP B 111 4.92 10.91 -22.46
C ASP B 111 5.32 10.00 -21.31
N VAL B 112 4.33 9.40 -20.65
CA VAL B 112 4.62 8.57 -19.48
C VAL B 112 5.13 7.19 -19.90
N ILE B 113 4.57 6.61 -20.97
CA ILE B 113 5.16 5.37 -21.50
C ILE B 113 6.62 5.62 -21.90
N GLU B 114 6.90 6.76 -22.53
CA GLU B 114 8.25 7.08 -22.98
C GLU B 114 9.21 7.20 -21.79
N TYR B 115 8.78 7.89 -20.74
CA TYR B 115 9.57 8.05 -19.53
C TYR B 115 9.92 6.70 -18.92
N TYR B 116 8.91 5.84 -18.73
CA TYR B 116 9.19 4.56 -18.10
C TYR B 116 9.93 3.62 -19.04
N ALA B 117 9.75 3.74 -20.36
CA ALA B 117 10.56 2.95 -21.28
C ALA B 117 12.03 3.18 -21.03
N GLY B 118 12.43 4.44 -20.82
CA GLY B 118 13.84 4.73 -20.58
C GLY B 118 14.32 4.33 -19.21
N LEU B 119 13.42 4.26 -18.22
CA LEU B 119 13.79 3.87 -16.87
C LEU B 119 13.73 2.37 -16.62
N ALA B 120 13.24 1.59 -17.59
CA ALA B 120 13.10 0.15 -17.39
C ALA B 120 14.42 -0.52 -17.05
N THR B 121 15.54 0.10 -17.40
CA THR B 121 16.88 -0.43 -17.16
C THR B 121 17.46 0.01 -15.82
N ALA B 122 16.78 0.89 -15.09
CA ALA B 122 17.31 1.49 -13.89
C ALA B 122 16.63 0.97 -12.62
N ILE B 123 15.91 -0.14 -12.72
CA ILE B 123 15.30 -0.73 -11.54
C ILE B 123 16.38 -1.57 -10.89
N GLU B 124 16.83 -1.15 -9.71
CA GLU B 124 17.95 -1.78 -9.02
C GLU B 124 17.54 -2.13 -7.60
N GLY B 125 18.01 -3.29 -7.14
CA GLY B 125 17.99 -3.61 -5.73
C GLY B 125 19.21 -3.03 -5.02
N LEU B 126 19.40 -3.48 -3.79
CA LEU B 126 20.52 -3.03 -2.97
C LEU B 126 21.44 -4.19 -2.67
N GLN B 127 22.65 -3.86 -2.20
CA GLN B 127 23.51 -4.84 -1.56
C GLN B 127 24.06 -4.20 -0.29
N VAL B 128 24.13 -4.97 0.79
CA VAL B 128 24.70 -4.44 2.02
C VAL B 128 25.39 -5.57 2.79
N PRO B 129 26.63 -5.39 3.22
CA PRO B 129 27.28 -6.42 4.02
C PRO B 129 26.81 -6.43 5.44
N LEU B 130 26.75 -7.61 6.03
CA LEU B 130 26.45 -7.73 7.45
C LEU B 130 27.70 -7.94 8.29
N ARG B 131 28.72 -8.57 7.72
CA ARG B 131 29.97 -8.96 8.35
C ARG B 131 30.77 -9.62 7.24
N PRO B 132 32.06 -9.89 7.43
CA PRO B 132 32.81 -10.50 6.32
C PRO B 132 32.18 -11.78 5.82
N GLU B 133 31.52 -12.54 6.68
CA GLU B 133 30.97 -13.84 6.29
C GLU B 133 29.54 -13.79 5.75
N SER B 134 28.89 -12.62 5.66
CA SER B 134 27.50 -12.64 5.21
C SER B 134 27.09 -11.29 4.63
N PHE B 135 26.28 -11.32 3.57
CA PHE B 135 25.79 -10.10 2.97
C PHE B 135 24.38 -10.32 2.45
N VAL B 136 23.69 -9.22 2.21
CA VAL B 136 22.31 -9.21 1.74
C VAL B 136 22.28 -8.52 0.38
N TYR B 137 21.50 -9.07 -0.56
CA TYR B 137 21.12 -8.28 -1.72
C TYR B 137 19.62 -8.38 -1.90
N THR B 138 19.03 -7.35 -2.52
CA THR B 138 17.62 -7.43 -2.84
C THR B 138 17.44 -7.49 -4.34
N ARG B 139 16.37 -8.17 -4.74
CA ARG B 139 15.83 -8.14 -6.09
C ARG B 139 14.53 -7.37 -6.09
N ARG B 140 14.30 -6.59 -7.14
CA ARG B 140 13.00 -5.96 -7.38
C ARG B 140 12.33 -6.78 -8.49
N GLU B 141 11.45 -7.70 -8.09
CA GLU B 141 10.85 -8.63 -9.03
C GLU B 141 9.48 -8.14 -9.48
N PRO B 142 9.03 -8.49 -10.67
CA PRO B 142 7.65 -8.13 -11.05
C PRO B 142 6.66 -8.71 -10.07
N LEU B 143 5.55 -7.97 -9.88
CA LEU B 143 4.44 -8.48 -9.07
C LEU B 143 3.77 -9.66 -9.76
N GLY B 144 3.67 -9.61 -11.09
CA GLY B 144 2.98 -10.64 -11.84
C GLY B 144 1.92 -10.03 -12.75
N VAL B 145 0.66 -10.35 -12.48
CA VAL B 145 -0.46 -9.82 -13.25
C VAL B 145 -1.11 -8.70 -12.44
N CYS B 146 -1.14 -7.50 -13.02
CA CYS B 146 -1.73 -6.34 -12.39
C CYS B 146 -3.05 -6.00 -13.08
N ALA B 147 -3.95 -5.37 -12.35
CA ALA B 147 -5.20 -4.88 -12.92
C ALA B 147 -5.25 -3.37 -12.86
N GLY B 148 -5.75 -2.76 -13.92
CA GLY B 148 -6.03 -1.32 -13.93
C GLY B 148 -7.50 -1.10 -14.25
N ILE B 149 -8.13 -0.19 -13.50
CA ILE B 149 -9.53 0.14 -13.70
C ILE B 149 -9.61 1.63 -13.97
N GLY B 150 -10.14 2.01 -15.14
CA GLY B 150 -10.07 3.37 -15.61
C GLY B 150 -11.34 4.17 -15.37
N ALA B 151 -11.18 5.49 -15.47
CA ALA B 151 -12.29 6.43 -15.42
C ALA B 151 -12.53 7.02 -16.81
N TRP B 152 -13.64 7.72 -16.97
CA TRP B 152 -14.04 8.14 -18.30
C TRP B 152 -13.55 9.53 -18.69
N ASN B 153 -12.90 10.28 -17.79
CA ASN B 153 -12.56 11.64 -18.17
C ASN B 153 -11.29 11.72 -19.02
N TYR B 154 -10.33 10.82 -18.78
CA TYR B 154 -9.08 10.75 -19.57
C TYR B 154 -8.82 9.28 -19.92
N PRO B 155 -9.65 8.70 -20.78
CA PRO B 155 -9.60 7.23 -20.95
C PRO B 155 -8.26 6.70 -21.43
N ILE B 156 -7.73 7.19 -22.55
CA ILE B 156 -6.48 6.58 -23.02
C ILE B 156 -5.30 7.06 -22.17
N GLN B 157 -5.33 8.27 -21.64
CA GLN B 157 -4.23 8.71 -20.78
C GLN B 157 -4.13 7.83 -19.54
N ILE B 158 -5.28 7.51 -18.92
CA ILE B 158 -5.26 6.65 -17.74
C ILE B 158 -4.74 5.27 -18.09
N ALA B 159 -5.18 4.71 -19.22
CA ALA B 159 -4.67 3.41 -19.66
C ALA B 159 -3.15 3.44 -19.84
N CYS B 160 -2.62 4.52 -20.42
CA CYS B 160 -1.17 4.66 -20.57
C CYS B 160 -0.48 4.78 -19.22
N TRP B 161 -1.01 5.61 -18.33
CA TRP B 161 -0.32 5.89 -17.08
C TRP B 161 -0.32 4.69 -16.14
N LYS B 162 -1.34 3.83 -16.21
CA LYS B 162 -1.32 2.63 -15.40
C LYS B 162 -0.48 1.52 -16.04
N SER B 163 -0.59 1.35 -17.36
CA SER B 163 0.13 0.26 -18.01
C SER B 163 1.62 0.53 -18.12
N ALA B 164 2.05 1.81 -18.22
CA ALA B 164 3.46 2.09 -18.48
C ALA B 164 4.37 1.60 -17.36
N PRO B 165 4.19 1.99 -16.09
CA PRO B 165 5.10 1.46 -15.07
C PRO B 165 4.91 -0.02 -14.86
N ALA B 166 3.68 -0.53 -15.01
CA ALA B 166 3.45 -1.96 -14.86
C ALA B 166 4.27 -2.77 -15.87
N LEU B 167 4.16 -2.41 -17.15
CA LEU B 167 4.89 -3.13 -18.19
C LEU B 167 6.39 -2.90 -18.11
N ALA B 168 6.81 -1.65 -17.84
CA ALA B 168 8.24 -1.38 -17.76
C ALA B 168 8.90 -2.23 -16.69
N ALA B 169 8.20 -2.50 -15.60
CA ALA B 169 8.74 -3.30 -14.50
C ALA B 169 8.62 -4.81 -14.73
N GLY B 170 8.11 -5.24 -15.87
CA GLY B 170 8.04 -6.65 -16.19
C GLY B 170 6.74 -7.34 -15.86
N ASN B 171 5.69 -6.58 -15.53
CA ASN B 171 4.37 -7.13 -15.26
C ASN B 171 3.55 -7.21 -16.54
N ALA B 172 2.47 -7.97 -16.46
CA ALA B 172 1.35 -7.84 -17.38
C ALA B 172 0.23 -7.04 -16.70
N MET B 173 -0.63 -6.44 -17.52
CA MET B 173 -1.78 -5.72 -16.97
C MET B 173 -3.04 -6.12 -17.72
N ILE B 174 -4.11 -6.37 -16.95
CA ILE B 174 -5.46 -6.45 -17.48
C ILE B 174 -6.14 -5.13 -17.16
N PHE B 175 -6.61 -4.44 -18.19
CA PHE B 175 -7.18 -3.10 -18.03
C PHE B 175 -8.67 -3.13 -18.37
N LYS B 176 -9.47 -2.49 -17.51
CA LYS B 176 -10.91 -2.31 -17.80
C LYS B 176 -11.21 -0.84 -17.91
N PRO B 177 -11.50 -0.31 -19.10
CA PRO B 177 -11.89 1.09 -19.19
C PRO B 177 -13.27 1.28 -18.58
N SER B 178 -13.57 2.55 -18.27
CA SER B 178 -14.94 2.91 -17.93
C SER B 178 -15.89 2.50 -19.04
N GLU B 179 -17.05 1.96 -18.65
CA GLU B 179 -18.05 1.58 -19.64
C GLU B 179 -18.59 2.80 -20.38
N VAL B 180 -18.34 4.02 -19.86
CA VAL B 180 -18.76 5.24 -20.55
C VAL B 180 -17.85 5.53 -21.74
N THR B 181 -16.59 5.09 -21.67
CA THR B 181 -15.59 5.41 -22.67
C THR B 181 -14.72 4.19 -22.95
N PRO B 182 -15.29 3.15 -23.56
CA PRO B 182 -14.57 1.87 -23.70
C PRO B 182 -13.67 1.76 -24.92
N LEU B 183 -13.62 2.76 -25.80
CA LEU B 183 -13.10 2.52 -27.14
C LEU B 183 -11.58 2.67 -27.26
N SER B 184 -11.00 3.72 -26.68
CA SER B 184 -9.58 3.97 -26.97
C SER B 184 -8.63 2.97 -26.32
N ALA B 185 -9.04 2.33 -25.22
CA ALA B 185 -8.19 1.30 -24.62
C ALA B 185 -7.93 0.15 -25.59
N LEU B 186 -8.91 -0.17 -26.44
CA LEU B 186 -8.69 -1.20 -27.46
C LEU B 186 -7.62 -0.78 -28.45
N LYS B 187 -7.59 0.51 -28.82
CA LYS B 187 -6.56 0.98 -29.74
C LYS B 187 -5.18 0.91 -29.11
N LEU B 188 -5.07 1.23 -27.82
CA LEU B 188 -3.78 1.07 -27.15
C LEU B 188 -3.34 -0.38 -27.14
N ALA B 189 -4.28 -1.31 -26.91
CA ALA B 189 -3.93 -2.73 -26.91
C ALA B 189 -3.35 -3.15 -28.27
N GLU B 190 -3.97 -2.70 -29.37
CA GLU B 190 -3.46 -3.00 -30.70
C GLU B 190 -2.05 -2.45 -30.88
N ILE B 191 -1.81 -1.23 -30.40
CA ILE B 191 -0.51 -0.58 -30.55
C ILE B 191 0.56 -1.32 -29.77
N TYR B 192 0.26 -1.72 -28.52
CA TYR B 192 1.23 -2.52 -27.78
C TYR B 192 1.60 -3.80 -28.54
N THR B 193 0.60 -4.49 -29.09
CA THR B 193 0.90 -5.71 -29.86
C THR B 193 1.75 -5.39 -31.07
N GLU B 194 1.39 -4.33 -31.81
CA GLU B 194 2.15 -3.96 -33.00
C GLU B 194 3.58 -3.61 -32.65
N ALA B 195 3.80 -3.02 -31.47
CA ALA B 195 5.14 -2.65 -31.03
C ALA B 195 5.98 -3.84 -30.62
N GLY B 196 5.37 -5.00 -30.36
CA GLY B 196 6.12 -6.19 -29.99
C GLY B 196 5.82 -6.72 -28.61
N VAL B 197 4.84 -6.14 -27.92
CA VAL B 197 4.47 -6.64 -26.60
C VAL B 197 3.88 -8.05 -26.74
N PRO B 198 4.36 -9.05 -25.99
CA PRO B 198 3.83 -10.42 -26.13
C PRO B 198 2.34 -10.50 -25.86
N ALA B 199 1.71 -11.51 -26.46
CA ALA B 199 0.30 -11.78 -26.22
C ALA B 199 0.04 -11.94 -24.74
N GLY B 200 -1.00 -11.27 -24.24
CA GLY B 200 -1.41 -11.33 -22.85
C GLY B 200 -0.82 -10.26 -21.95
N VAL B 201 0.23 -9.56 -22.40
CA VAL B 201 0.87 -8.60 -21.50
C VAL B 201 0.01 -7.36 -21.29
N PHE B 202 -0.78 -6.96 -22.29
CA PHE B 202 -1.81 -5.93 -22.06
C PHE B 202 -3.13 -6.44 -22.64
N ASN B 203 -4.01 -6.90 -21.76
CA ASN B 203 -5.34 -7.37 -22.12
C ASN B 203 -6.38 -6.34 -21.71
N VAL B 204 -7.47 -6.26 -22.48
CA VAL B 204 -8.55 -5.34 -22.18
C VAL B 204 -9.83 -6.15 -21.98
N VAL B 205 -10.45 -5.98 -20.81
CA VAL B 205 -11.80 -6.49 -20.58
C VAL B 205 -12.73 -5.29 -20.47
N GLN B 206 -14.00 -5.52 -20.78
CA GLN B 206 -14.99 -4.45 -20.92
C GLN B 206 -16.18 -4.74 -20.02
N GLY B 207 -16.78 -3.68 -19.53
CA GLY B 207 -18.05 -3.81 -18.82
C GLY B 207 -18.17 -2.78 -17.72
N ASP B 208 -19.22 -2.95 -16.92
CA ASP B 208 -19.53 -2.01 -15.86
C ASP B 208 -18.77 -2.39 -14.58
N GLY B 209 -19.18 -1.83 -13.46
CA GLY B 209 -18.48 -2.08 -12.20
C GLY B 209 -18.44 -3.53 -11.80
N SER B 210 -19.39 -4.34 -12.24
CA SER B 210 -19.36 -5.75 -11.90
C SER B 210 -18.15 -6.44 -12.49
N VAL B 211 -17.71 -6.00 -13.68
CA VAL B 211 -16.48 -6.56 -14.26
C VAL B 211 -15.26 -6.03 -13.52
N GLY B 212 -15.29 -4.75 -13.13
CA GLY B 212 -14.22 -4.24 -12.27
C GLY B 212 -14.09 -5.03 -10.99
N ALA B 213 -15.23 -5.40 -10.39
CA ALA B 213 -15.18 -6.19 -9.16
C ALA B 213 -14.61 -7.58 -9.40
N LEU B 214 -14.86 -8.17 -10.57
CA LEU B 214 -14.25 -9.47 -10.88
C LEU B 214 -12.74 -9.36 -10.89
N LEU B 215 -12.19 -8.26 -11.37
CA LEU B 215 -10.75 -8.07 -11.35
C LEU B 215 -10.24 -7.88 -9.93
N SER B 216 -10.92 -7.07 -9.12
CA SER B 216 -10.42 -6.81 -7.78
CA SER B 216 -10.47 -6.79 -7.76
C SER B 216 -10.48 -8.05 -6.89
N ALA B 217 -11.37 -8.99 -7.18
CA ALA B 217 -11.47 -10.18 -6.35
C ALA B 217 -10.62 -11.34 -6.85
N HIS B 218 -10.07 -11.25 -8.05
CA HIS B 218 -9.49 -12.43 -8.66
C HIS B 218 -8.22 -12.84 -7.92
N PRO B 219 -8.08 -14.12 -7.53
CA PRO B 219 -6.91 -14.53 -6.76
C PRO B 219 -5.60 -14.52 -7.55
N GLY B 220 -5.67 -14.47 -8.88
CA GLY B 220 -4.47 -14.48 -9.71
C GLY B 220 -3.92 -13.12 -10.02
N ILE B 221 -4.52 -12.07 -9.47
CA ILE B 221 -4.10 -10.70 -9.72
C ILE B 221 -3.36 -10.20 -8.48
N ALA B 222 -2.18 -9.61 -8.70
CA ALA B 222 -1.30 -9.24 -7.60
C ALA B 222 -1.52 -7.82 -7.11
N LYS B 223 -2.07 -6.95 -7.94
CA LYS B 223 -2.16 -5.53 -7.61
C LYS B 223 -3.33 -4.96 -8.39
N VAL B 224 -4.05 -4.01 -7.78
CA VAL B 224 -5.10 -3.27 -8.46
C VAL B 224 -4.75 -1.79 -8.41
N SER B 225 -4.89 -1.12 -9.54
CA SER B 225 -4.75 0.33 -9.63
C SER B 225 -6.06 0.90 -10.15
N PHE B 226 -6.66 1.80 -9.38
CA PHE B 226 -8.01 2.27 -9.64
C PHE B 226 -8.05 3.78 -9.71
N THR B 227 -8.79 4.30 -10.69
CA THR B 227 -9.09 5.73 -10.79
C THR B 227 -10.60 5.90 -10.88
N GLY B 228 -11.16 6.72 -10.01
CA GLY B 228 -12.60 6.84 -9.93
C GLY B 228 -13.01 7.57 -8.66
N GLY B 229 -14.29 7.43 -8.31
CA GLY B 229 -14.83 8.13 -7.17
C GLY B 229 -14.48 7.45 -5.85
N VAL B 230 -14.59 8.23 -4.78
CA VAL B 230 -14.17 7.74 -3.46
C VAL B 230 -15.05 6.58 -3.01
N GLU B 231 -16.37 6.64 -3.26
CA GLU B 231 -17.24 5.58 -2.79
C GLU B 231 -16.93 4.26 -3.49
N THR B 232 -16.65 4.31 -4.79
CA THR B 232 -16.24 3.11 -5.48
C THR B 232 -14.85 2.67 -5.05
N GLY B 233 -13.94 3.63 -4.85
CA GLY B 233 -12.60 3.29 -4.40
C GLY B 233 -12.60 2.51 -3.10
N LYS B 234 -13.51 2.87 -2.18
CA LYS B 234 -13.57 2.14 -0.91
C LYS B 234 -14.02 0.70 -1.12
N LYS B 235 -14.95 0.45 -2.04
CA LYS B 235 -15.35 -0.92 -2.34
C LYS B 235 -14.18 -1.70 -2.95
N VAL B 236 -13.44 -1.06 -3.87
CA VAL B 236 -12.34 -1.75 -4.54
C VAL B 236 -11.26 -2.12 -3.55
N MET B 237 -10.79 -1.16 -2.75
CA MET B 237 -9.72 -1.48 -1.80
C MET B 237 -10.16 -2.54 -0.80
N SER B 238 -11.41 -2.48 -0.34
CA SER B 238 -11.92 -3.49 0.58
C SER B 238 -11.87 -4.88 -0.06
N LEU B 239 -12.41 -5.02 -1.27
CA LEU B 239 -12.48 -6.34 -1.90
C LEU B 239 -11.11 -6.82 -2.33
N ALA B 240 -10.26 -5.93 -2.85
CA ALA B 240 -8.92 -6.32 -3.23
C ALA B 240 -8.12 -6.82 -2.03
N GLY B 241 -8.33 -6.21 -0.86
CA GLY B 241 -7.66 -6.68 0.35
C GLY B 241 -8.26 -7.97 0.89
N ALA B 242 -9.59 -8.04 0.96
CA ALA B 242 -10.26 -9.19 1.55
C ALA B 242 -10.01 -10.45 0.74
N SER B 243 -9.96 -10.32 -0.59
CA SER B 243 -9.92 -11.49 -1.45
C SER B 243 -8.56 -12.19 -1.38
N SER B 244 -7.47 -11.43 -1.60
CA SER B 244 -6.17 -12.07 -1.67
CA SER B 244 -6.17 -12.07 -1.67
C SER B 244 -5.02 -11.16 -1.23
N LEU B 245 -5.29 -10.09 -0.49
CA LEU B 245 -4.24 -9.20 0.02
C LEU B 245 -3.42 -8.57 -1.11
N LYS B 246 -4.13 -8.10 -2.13
CA LYS B 246 -3.49 -7.42 -3.25
C LYS B 246 -2.86 -6.09 -2.80
N GLU B 247 -1.78 -5.71 -3.48
CA GLU B 247 -1.32 -4.33 -3.40
C GLU B 247 -2.34 -3.43 -4.11
N VAL B 248 -2.46 -2.18 -3.65
CA VAL B 248 -3.49 -1.28 -4.13
CA VAL B 248 -3.49 -1.28 -4.13
C VAL B 248 -2.90 0.11 -4.32
N THR B 249 -3.28 0.75 -5.45
CA THR B 249 -3.07 2.17 -5.72
C THR B 249 -4.44 2.74 -6.05
N MET B 250 -4.77 3.91 -5.50
CA MET B 250 -6.08 4.54 -5.68
CA MET B 250 -6.07 4.54 -5.74
C MET B 250 -5.92 6.04 -5.93
N GLU B 251 -6.57 6.56 -6.96
CA GLU B 251 -6.65 8.01 -7.23
C GLU B 251 -8.13 8.38 -7.31
N LEU B 252 -8.60 9.27 -6.41
CA LEU B 252 -10.02 9.28 -6.04
C LEU B 252 -10.72 10.65 -6.00
N GLY B 253 -10.28 11.63 -6.74
CA GLY B 253 -11.01 12.90 -6.75
C GLY B 253 -10.76 13.73 -5.50
N GLY B 254 -11.27 14.97 -5.56
CA GLY B 254 -10.87 15.95 -4.58
C GLY B 254 -11.79 17.14 -4.55
N LYS B 255 -11.48 18.08 -3.66
CA LYS B 255 -12.08 19.39 -3.62
C LYS B 255 -10.93 20.36 -3.34
N SER B 256 -10.08 20.51 -4.32
CA SER B 256 -8.77 21.11 -4.12
C SER B 256 -8.87 22.62 -4.00
N PRO B 257 -8.13 23.22 -3.06
CA PRO B 257 -8.19 24.67 -2.86
C PRO B 257 -7.14 25.39 -3.69
N LEU B 258 -7.57 26.50 -4.29
CA LEU B 258 -6.69 27.45 -4.94
C LEU B 258 -6.74 28.74 -4.12
N ILE B 259 -5.60 29.15 -3.57
CA ILE B 259 -5.56 30.30 -2.68
C ILE B 259 -4.92 31.48 -3.42
N VAL B 260 -5.71 32.51 -3.65
CA VAL B 260 -5.28 33.73 -4.32
C VAL B 260 -5.05 34.79 -3.24
N PHE B 261 -3.77 35.08 -2.97
CA PHE B 261 -3.40 36.00 -1.90
C PHE B 261 -3.44 37.45 -2.38
N ASP B 262 -3.37 38.38 -1.42
CA ASP B 262 -3.45 39.80 -1.77
C ASP B 262 -2.24 40.29 -2.54
N ASP B 263 -1.15 39.52 -2.58
CA ASP B 263 0.01 39.88 -3.38
C ASP B 263 0.17 38.95 -4.58
N ALA B 264 -0.90 38.29 -5.00
CA ALA B 264 -0.92 37.58 -6.26
C ALA B 264 -0.87 38.53 -7.44
N ASP B 265 -0.26 38.08 -8.52
CA ASP B 265 -0.51 38.64 -9.84
C ASP B 265 -1.94 38.27 -10.22
N LEU B 266 -2.83 39.26 -10.29
CA LEU B 266 -4.26 38.96 -10.41
C LEU B 266 -4.65 38.49 -11.80
N ASP B 267 -3.95 38.92 -12.85
CA ASP B 267 -4.19 38.34 -14.17
C ASP B 267 -3.77 36.88 -14.20
N ARG B 268 -2.58 36.58 -13.67
CA ARG B 268 -2.15 35.18 -13.53
C ARG B 268 -3.18 34.38 -12.72
N ALA B 269 -3.63 34.94 -11.60
CA ALA B 269 -4.55 34.21 -10.74
C ALA B 269 -5.86 33.91 -11.47
N ALA B 270 -6.38 34.88 -12.21
CA ALA B 270 -7.65 34.67 -12.91
C ALA B 270 -7.48 33.63 -14.01
N ASP B 271 -6.36 33.68 -14.75
CA ASP B 271 -6.09 32.66 -15.76
C ASP B 271 -6.02 31.28 -15.13
N ILE B 272 -5.31 31.16 -14.01
CA ILE B 272 -5.21 29.88 -13.32
C ILE B 272 -6.58 29.38 -12.88
N ALA B 273 -7.36 30.25 -12.24
CA ALA B 273 -8.64 29.83 -11.70
C ALA B 273 -9.56 29.32 -12.80
N VAL B 274 -9.55 29.98 -13.95
CA VAL B 274 -10.40 29.55 -15.06
C VAL B 274 -9.93 28.20 -15.62
N THR B 275 -8.63 28.03 -15.86
CA THR B 275 -8.13 26.72 -16.28
C THR B 275 -8.47 25.65 -15.26
N ALA B 276 -8.26 25.96 -13.97
CA ALA B 276 -8.41 24.99 -12.90
C ALA B 276 -9.86 24.63 -12.63
N ASN B 277 -10.82 25.30 -13.29
CA ASN B 277 -12.22 24.95 -13.10
C ASN B 277 -12.94 24.51 -14.37
N PHE B 278 -12.45 24.84 -15.56
CA PHE B 278 -13.24 24.61 -16.76
C PHE B 278 -12.55 23.81 -17.84
N PHE B 279 -11.28 23.44 -17.67
CA PHE B 279 -10.68 22.51 -18.62
C PHE B 279 -11.45 21.18 -18.58
N SER B 280 -11.55 20.55 -19.74
CA SER B 280 -12.31 19.29 -19.89
C SER B 280 -13.71 19.43 -19.32
N ALA B 281 -14.34 20.59 -19.56
CA ALA B 281 -15.70 20.88 -19.08
C ALA B 281 -15.83 20.65 -17.57
N GLY B 282 -14.75 20.88 -16.83
CA GLY B 282 -14.76 20.74 -15.40
C GLY B 282 -14.59 19.34 -14.87
N GLN B 283 -14.27 18.37 -15.73
CA GLN B 283 -14.23 16.96 -15.34
C GLN B 283 -12.78 16.50 -15.13
N VAL B 284 -12.12 17.15 -14.18
CA VAL B 284 -10.72 16.87 -13.85
C VAL B 284 -10.62 16.72 -12.34
N CYS B 285 -10.00 15.62 -11.89
CA CYS B 285 -9.96 15.30 -10.46
C CYS B 285 -9.24 16.38 -9.65
N THR B 286 -8.19 16.97 -10.23
CA THR B 286 -7.33 17.91 -9.52
C THR B 286 -7.82 19.34 -9.63
N ASN B 287 -9.04 19.56 -10.13
CA ASN B 287 -9.48 20.92 -10.39
C ASN B 287 -9.57 21.72 -9.09
N GLY B 288 -9.25 23.02 -9.19
CA GLY B 288 -9.20 23.90 -8.05
C GLY B 288 -10.55 24.55 -7.80
N THR B 289 -11.47 23.77 -7.24
CA THR B 289 -12.88 24.12 -7.25
C THR B 289 -13.31 24.94 -6.04
N ARG B 290 -12.47 25.05 -5.01
CA ARG B 290 -12.66 26.02 -3.93
C ARG B 290 -11.63 27.12 -4.17
N VAL B 291 -12.07 28.25 -4.70
CA VAL B 291 -11.17 29.36 -5.02
C VAL B 291 -11.24 30.33 -3.85
N PHE B 292 -10.22 30.30 -2.99
CA PHE B 292 -10.11 31.22 -1.86
C PHE B 292 -9.41 32.49 -2.31
N VAL B 293 -10.02 33.65 -2.06
CA VAL B 293 -9.43 34.91 -2.48
C VAL B 293 -9.40 35.88 -1.30
N GLN B 294 -8.25 36.51 -1.09
CA GLN B 294 -8.11 37.42 0.04
C GLN B 294 -8.94 38.67 -0.20
N GLN B 295 -9.57 39.15 0.88
CA GLN B 295 -10.63 40.17 0.77
C GLN B 295 -10.17 41.39 -0.02
N ALA B 296 -8.94 41.87 0.21
CA ALA B 296 -8.50 43.11 -0.40
C ALA B 296 -8.45 43.04 -1.93
N VAL B 297 -8.32 41.86 -2.52
CA VAL B 297 -8.25 41.74 -3.97
C VAL B 297 -9.46 40.98 -4.53
N LYS B 298 -10.47 40.73 -3.70
CA LYS B 298 -11.62 39.91 -4.13
C LYS B 298 -12.32 40.50 -5.33
N ASP B 299 -12.69 41.79 -5.26
CA ASP B 299 -13.49 42.36 -6.35
C ASP B 299 -12.71 42.41 -7.66
N ALA B 300 -11.44 42.81 -7.60
CA ALA B 300 -10.62 42.88 -8.81
C ALA B 300 -10.40 41.50 -9.39
N PHE B 301 -10.22 40.49 -8.54
CA PHE B 301 -10.04 39.12 -9.00
C PHE B 301 -11.31 38.59 -9.66
N VAL B 302 -12.46 38.79 -9.03
CA VAL B 302 -13.71 38.29 -9.59
C VAL B 302 -14.00 38.93 -10.95
N GLU B 303 -13.77 40.24 -11.06
CA GLU B 303 -13.97 40.92 -12.34
C GLU B 303 -13.13 40.26 -13.44
N ARG B 304 -11.88 39.92 -13.13
CA ARG B 304 -11.01 39.30 -14.12
C ARG B 304 -11.48 37.88 -14.46
N VAL B 305 -11.96 37.13 -13.46
CA VAL B 305 -12.44 35.77 -13.73
C VAL B 305 -13.65 35.81 -14.66
N LEU B 306 -14.62 36.67 -14.35
CA LEU B 306 -15.83 36.71 -15.15
C LEU B 306 -15.54 37.14 -16.58
N ALA B 307 -14.58 38.04 -16.78
CA ALA B 307 -14.26 38.47 -18.14
C ALA B 307 -13.67 37.33 -18.96
N ARG B 308 -12.87 36.48 -18.31
CA ARG B 308 -12.31 35.32 -19.01
C ARG B 308 -13.37 34.24 -19.24
N VAL B 309 -14.25 34.04 -18.26
CA VAL B 309 -15.30 33.03 -18.42
C VAL B 309 -16.23 33.40 -19.57
N ALA B 310 -16.50 34.69 -19.73
CA ALA B 310 -17.36 35.15 -20.82
C ALA B 310 -16.73 34.92 -22.19
N ARG B 311 -15.42 34.72 -22.26
CA ARG B 311 -14.74 34.48 -23.52
C ARG B 311 -14.49 33.01 -23.80
N ILE B 312 -14.96 32.12 -22.93
CA ILE B 312 -14.86 30.68 -23.22
C ILE B 312 -15.66 30.37 -24.47
N ARG B 313 -15.11 29.51 -25.34
CA ARG B 313 -15.73 29.18 -26.62
C ARG B 313 -16.45 27.84 -26.47
N VAL B 314 -17.72 27.93 -26.05
CA VAL B 314 -18.57 26.77 -25.90
C VAL B 314 -19.09 26.36 -27.27
N GLY B 315 -18.96 25.08 -27.61
CA GLY B 315 -19.41 24.64 -28.91
C GLY B 315 -19.21 23.15 -29.12
N LYS B 316 -19.36 22.74 -30.38
CA LYS B 316 -19.20 21.33 -30.74
C LYS B 316 -17.77 20.89 -30.47
N PRO B 317 -17.56 19.78 -29.77
CA PRO B 317 -16.18 19.38 -29.48
C PRO B 317 -15.42 18.94 -30.73
N SER B 318 -16.12 18.62 -31.83
CA SER B 318 -15.45 18.26 -33.07
C SER B 318 -14.92 19.48 -33.83
N ASP B 319 -15.32 20.68 -33.42
CA ASP B 319 -14.85 21.92 -34.02
CA ASP B 319 -14.84 21.92 -34.04
C ASP B 319 -13.56 22.37 -33.33
N SER B 320 -12.51 22.58 -34.12
CA SER B 320 -11.22 22.93 -33.54
C SER B 320 -11.24 24.26 -32.77
N ASP B 321 -12.18 25.15 -33.05
CA ASP B 321 -12.26 26.43 -32.35
C ASP B 321 -12.88 26.31 -30.95
N THR B 322 -13.56 25.21 -30.67
CA THR B 322 -14.15 25.00 -29.36
C THR B 322 -13.09 24.76 -28.29
N ASN B 323 -13.28 25.36 -27.11
CA ASN B 323 -12.45 24.95 -25.98
C ASN B 323 -13.28 24.53 -24.77
N PHE B 324 -14.59 24.33 -24.94
CA PHE B 324 -15.46 23.86 -23.87
C PHE B 324 -16.65 23.17 -24.52
N GLY B 325 -16.83 21.89 -24.23
CA GLY B 325 -17.90 21.10 -24.81
C GLY B 325 -18.87 20.56 -23.79
N PRO B 326 -19.52 19.45 -24.11
CA PRO B 326 -20.51 18.85 -23.19
C PRO B 326 -19.81 18.06 -22.10
N LEU B 327 -20.59 17.70 -21.09
CA LEU B 327 -20.20 16.68 -20.13
C LEU B 327 -20.33 15.30 -20.77
N ALA B 328 -19.79 14.29 -20.08
CA ALA B 328 -19.60 12.99 -20.70
C ALA B 328 -20.84 12.11 -20.70
N SER B 329 -21.90 12.48 -19.98
CA SER B 329 -23.09 11.65 -19.90
C SER B 329 -24.27 12.47 -19.40
N ALA B 330 -25.48 11.94 -19.62
CA ALA B 330 -26.67 12.53 -19.04
C ALA B 330 -26.66 12.44 -17.51
N ALA B 331 -26.11 11.34 -16.97
CA ALA B 331 -26.01 11.21 -15.52
C ALA B 331 -25.11 12.30 -14.94
N GLN B 332 -24.00 12.58 -15.62
CA GLN B 332 -23.15 13.70 -15.27
C GLN B 332 -23.93 15.00 -15.25
N LEU B 333 -24.63 15.29 -16.35
CA LEU B 333 -25.40 16.52 -16.44
C LEU B 333 -26.42 16.62 -15.32
N ASP B 334 -27.12 15.51 -15.01
CA ASP B 334 -28.10 15.53 -13.92
C ASP B 334 -27.45 15.86 -12.58
N LYS B 335 -26.29 15.25 -12.30
CA LYS B 335 -25.62 15.51 -11.03
C LYS B 335 -25.13 16.96 -10.95
N VAL B 336 -24.55 17.47 -12.04
CA VAL B 336 -24.03 18.83 -12.02
C VAL B 336 -25.18 19.84 -11.88
N LEU B 337 -26.28 19.64 -12.62
CA LEU B 337 -27.41 20.55 -12.46
C LEU B 337 -28.00 20.47 -11.06
N GLY B 338 -27.99 19.29 -10.44
CA GLY B 338 -28.44 19.18 -9.07
C GLY B 338 -27.57 19.98 -8.11
N TYR B 339 -26.25 19.96 -8.31
CA TYR B 339 -25.37 20.76 -7.50
C TYR B 339 -25.61 22.25 -7.72
N ILE B 340 -25.86 22.67 -8.96
CA ILE B 340 -26.15 24.08 -9.22
C ILE B 340 -27.43 24.49 -8.50
N ASP B 341 -28.45 23.64 -8.53
CA ASP B 341 -29.67 23.92 -7.78
C ASP B 341 -29.38 24.08 -6.29
N SER B 342 -28.50 23.22 -5.76
CA SER B 342 -28.16 23.27 -4.34
C SER B 342 -27.45 24.59 -4.01
N GLY B 343 -26.47 24.98 -4.83
CA GLY B 343 -25.81 26.27 -4.60
C GLY B 343 -26.78 27.43 -4.56
N LYS B 344 -27.73 27.47 -5.49
CA LYS B 344 -28.71 28.55 -5.48
C LYS B 344 -29.56 28.50 -4.23
N ALA B 345 -30.04 27.30 -3.88
CA ALA B 345 -30.93 27.15 -2.72
C ALA B 345 -30.23 27.54 -1.42
N GLU B 346 -28.93 27.30 -1.31
CA GLU B 346 -28.20 27.57 -0.09
C GLU B 346 -27.62 28.97 -0.04
N GLY B 347 -27.92 29.82 -1.02
CA GLY B 347 -27.63 31.23 -0.92
C GLY B 347 -26.37 31.70 -1.60
N ALA B 348 -25.68 30.83 -2.34
CA ALA B 348 -24.55 31.27 -3.13
C ALA B 348 -25.03 32.21 -4.24
N LYS B 349 -24.17 33.13 -4.63
CA LYS B 349 -24.50 34.12 -5.64
C LYS B 349 -24.07 33.63 -7.01
N LEU B 350 -25.03 33.44 -7.91
CA LEU B 350 -24.74 32.98 -9.27
C LEU B 350 -24.13 34.13 -10.07
N LEU B 351 -22.87 34.00 -10.45
CA LEU B 351 -22.17 35.07 -11.15
C LEU B 351 -22.01 34.82 -12.64
N ALA B 352 -22.07 33.56 -13.08
CA ALA B 352 -21.96 33.23 -14.50
C ALA B 352 -22.54 31.84 -14.69
N GLY B 353 -23.12 31.62 -15.87
CA GLY B 353 -23.62 30.29 -16.22
C GLY B 353 -24.83 29.89 -15.39
N GLY B 354 -24.88 28.60 -15.03
CA GLY B 354 -25.91 28.10 -14.15
C GLY B 354 -27.00 27.26 -14.80
N ALA B 355 -26.94 26.98 -16.09
CA ALA B 355 -28.02 26.26 -16.74
C ALA B 355 -27.52 25.43 -17.91
N ARG B 356 -28.34 24.45 -18.29
CA ARG B 356 -28.07 23.65 -19.47
C ARG B 356 -28.27 24.50 -20.73
N LEU B 357 -27.41 24.28 -21.73
CA LEU B 357 -27.58 24.89 -23.04
C LEU B 357 -28.48 23.99 -23.88
N VAL B 358 -29.58 24.53 -24.39
CA VAL B 358 -30.54 23.69 -25.11
C VAL B 358 -30.87 24.26 -26.48
N ASN B 359 -30.17 25.31 -26.91
CA ASN B 359 -30.45 25.91 -28.20
C ASN B 359 -29.72 25.18 -29.34
N ASP B 360 -30.38 25.07 -30.48
CA ASP B 360 -29.78 24.54 -31.71
CA ASP B 360 -29.78 24.54 -31.71
C ASP B 360 -29.21 23.15 -31.42
N HIS B 361 -28.01 22.84 -31.90
CA HIS B 361 -27.44 21.51 -31.73
C HIS B 361 -27.17 21.16 -30.26
N PHE B 362 -27.09 22.15 -29.37
CA PHE B 362 -26.77 21.85 -27.98
C PHE B 362 -27.81 20.96 -27.35
N ALA B 363 -29.06 21.02 -27.83
CA ALA B 363 -30.13 20.22 -27.26
C ALA B 363 -29.87 18.72 -27.40
N SER B 364 -29.08 18.31 -28.38
CA SER B 364 -28.77 16.90 -28.57
CA SER B 364 -28.77 16.90 -28.58
C SER B 364 -27.57 16.43 -27.76
N GLY B 365 -26.89 17.34 -27.06
CA GLY B 365 -25.75 17.01 -26.23
C GLY B 365 -26.02 17.25 -24.76
N GLN B 366 -24.98 17.04 -23.96
CA GLN B 366 -25.07 17.15 -22.50
C GLN B 366 -24.28 18.37 -22.03
N TYR B 367 -24.75 19.55 -22.42
CA TYR B 367 -24.01 20.79 -22.25
C TYR B 367 -24.50 21.58 -21.04
N VAL B 368 -23.57 21.91 -20.14
CA VAL B 368 -23.82 22.80 -19.02
C VAL B 368 -22.87 23.99 -19.13
N ALA B 369 -23.41 25.20 -18.97
CA ALA B 369 -22.61 26.41 -19.11
C ALA B 369 -21.51 26.47 -18.04
N PRO B 370 -20.37 27.06 -18.36
CA PRO B 370 -19.37 27.35 -17.33
C PRO B 370 -19.99 28.20 -16.23
N THR B 371 -19.94 27.70 -15.00
CA THR B 371 -20.70 28.29 -13.90
C THR B 371 -19.78 28.77 -12.79
N VAL B 372 -20.06 29.96 -12.25
CA VAL B 372 -19.29 30.56 -11.17
C VAL B 372 -20.27 31.00 -10.09
N PHE B 373 -20.01 30.57 -8.85
CA PHE B 373 -20.73 31.03 -7.67
C PHE B 373 -19.82 31.90 -6.82
N GLY B 374 -20.35 33.03 -6.35
CA GLY B 374 -19.64 33.90 -5.43
C GLY B 374 -20.30 33.91 -4.06
N ASP B 375 -19.58 34.51 -3.11
CA ASP B 375 -20.06 34.62 -1.72
C ASP B 375 -20.39 33.25 -1.13
N CYS B 376 -19.54 32.27 -1.39
CA CYS B 376 -19.78 30.92 -0.89
C CYS B 376 -19.32 30.79 0.56
N ARG B 377 -19.88 29.78 1.24
CA ARG B 377 -19.53 29.48 2.62
C ARG B 377 -19.09 28.02 2.74
N ASP B 378 -18.28 27.75 3.77
CA ASP B 378 -17.70 26.43 3.95
C ASP B 378 -18.75 25.35 4.19
N ASP B 379 -19.94 25.70 4.68
CA ASP B 379 -20.96 24.70 4.99
C ASP B 379 -21.84 24.35 3.80
N MET B 380 -21.63 24.97 2.64
CA MET B 380 -22.46 24.71 1.48
C MET B 380 -22.10 23.37 0.83
N ARG B 381 -23.13 22.69 0.31
CA ARG B 381 -22.92 21.43 -0.40
CA ARG B 381 -22.91 21.43 -0.38
C ARG B 381 -21.94 21.60 -1.55
N ILE B 382 -22.09 22.68 -2.32
CA ILE B 382 -21.21 22.88 -3.48
C ILE B 382 -19.78 23.14 -3.06
N VAL B 383 -19.54 23.59 -1.84
CA VAL B 383 -18.17 23.80 -1.37
C VAL B 383 -17.59 22.54 -0.75
N ARG B 384 -18.42 21.72 -0.11
CA ARG B 384 -17.94 20.54 0.61
C ARG B 384 -17.73 19.34 -0.30
N GLU B 385 -18.53 19.22 -1.37
CA GLU B 385 -18.59 18.01 -2.17
C GLU B 385 -18.01 18.23 -3.56
N GLU B 386 -17.29 17.22 -4.07
CA GLU B 386 -16.80 17.25 -5.44
C GLU B 386 -17.98 17.19 -6.41
N ILE B 387 -18.06 18.17 -7.30
CA ILE B 387 -19.14 18.23 -8.29
C ILE B 387 -18.77 17.50 -9.56
N PHE B 388 -17.49 17.52 -9.93
CA PHE B 388 -16.99 16.93 -11.18
C PHE B 388 -17.68 17.52 -12.40
N GLY B 389 -17.82 18.83 -12.39
CA GLY B 389 -18.35 19.58 -13.50
C GLY B 389 -17.87 21.01 -13.44
N PRO B 390 -18.35 21.84 -14.35
CA PRO B 390 -17.82 23.21 -14.48
C PRO B 390 -18.50 24.19 -13.53
N VAL B 391 -18.16 24.09 -12.25
CA VAL B 391 -18.79 24.90 -11.20
C VAL B 391 -17.69 25.39 -10.26
N MET B 392 -17.36 26.68 -10.35
CA MET B 392 -16.35 27.29 -9.50
C MET B 392 -17.04 27.93 -8.29
N SER B 393 -16.49 27.69 -7.10
CA SER B 393 -16.98 28.31 -5.87
C SER B 393 -15.92 29.27 -5.36
N ILE B 394 -16.27 30.56 -5.25
CA ILE B 394 -15.34 31.58 -4.79
C ILE B 394 -15.65 31.93 -3.34
N LEU B 395 -14.62 31.84 -2.48
CA LEU B 395 -14.73 32.09 -1.05
C LEU B 395 -13.75 33.18 -0.67
N SER B 396 -14.20 34.17 0.10
CA SER B 396 -13.30 35.21 0.57
C SER B 396 -12.68 34.82 1.91
N PHE B 397 -11.47 35.32 2.15
CA PHE B 397 -10.83 35.14 3.45
C PHE B 397 -10.08 36.41 3.83
N GLU B 398 -9.77 36.53 5.12
CA GLU B 398 -9.05 37.69 5.63
C GLU B 398 -7.56 37.42 5.82
N THR B 399 -7.18 36.30 6.44
CA THR B 399 -5.79 36.09 6.81
C THR B 399 -5.24 34.80 6.22
N GLU B 400 -3.91 34.75 6.13
CA GLU B 400 -3.23 33.57 5.60
C GLU B 400 -3.52 32.34 6.44
N ASP B 401 -3.47 32.47 7.78
CA ASP B 401 -3.77 31.33 8.64
C ASP B 401 -5.20 30.83 8.43
N GLU B 402 -6.14 31.76 8.24
CA GLU B 402 -7.53 31.39 7.98
C GLU B 402 -7.66 30.59 6.69
N ALA B 403 -7.05 31.09 5.61
CA ALA B 403 -7.13 30.39 4.33
C ALA B 403 -6.58 28.97 4.44
N ILE B 404 -5.44 28.81 5.13
CA ILE B 404 -4.83 27.49 5.22
C ILE B 404 -5.70 26.55 6.04
N ALA B 405 -6.23 27.02 7.17
CA ALA B 405 -7.08 26.18 8.00
C ALA B 405 -8.33 25.74 7.23
N ARG B 406 -8.95 26.66 6.49
CA ARG B 406 -10.16 26.32 5.77
C ARG B 406 -9.85 25.43 4.57
N ALA B 407 -8.73 25.67 3.91
CA ALA B 407 -8.32 24.83 2.80
C ALA B 407 -8.14 23.37 3.25
N ASN B 408 -7.61 23.18 4.45
CA ASN B 408 -7.33 21.85 4.99
C ASN B 408 -8.54 21.20 5.64
N ALA B 409 -9.61 21.95 5.90
CA ALA B 409 -10.77 21.44 6.60
C ALA B 409 -11.65 20.64 5.63
N THR B 410 -11.14 19.49 5.25
CA THR B 410 -11.80 18.61 4.29
C THR B 410 -11.21 17.21 4.44
N ASP B 411 -12.01 16.20 4.09
CA ASP B 411 -11.49 14.85 3.98
C ASP B 411 -10.83 14.57 2.65
N TYR B 412 -10.96 15.47 1.68
CA TYR B 412 -10.20 15.37 0.45
C TYR B 412 -8.76 15.85 0.68
N GLY B 413 -7.90 15.57 -0.30
CA GLY B 413 -6.52 15.99 -0.22
C GLY B 413 -5.72 15.70 -1.48
N LEU B 414 -6.33 15.89 -2.64
CA LEU B 414 -5.66 15.55 -3.88
C LEU B 414 -4.66 16.63 -4.29
N ALA B 415 -5.14 17.85 -4.54
CA ALA B 415 -4.28 18.93 -5.00
C ALA B 415 -4.50 20.18 -4.17
N ALA B 416 -3.61 21.15 -4.36
CA ALA B 416 -3.73 22.47 -3.74
C ALA B 416 -2.81 23.40 -4.50
N GLY B 417 -3.09 24.70 -4.39
CA GLY B 417 -2.21 25.65 -5.06
C GLY B 417 -2.36 27.04 -4.50
N VAL B 418 -1.32 27.84 -4.73
CA VAL B 418 -1.31 29.22 -4.24
C VAL B 418 -0.86 30.14 -5.37
N VAL B 419 -1.38 31.37 -5.35
CA VAL B 419 -0.93 32.41 -6.24
C VAL B 419 -0.43 33.56 -5.36
N THR B 420 0.87 33.84 -5.45
CA THR B 420 1.51 34.91 -4.70
C THR B 420 2.86 35.22 -5.35
N GLU B 421 3.23 36.49 -5.35
CA GLU B 421 4.57 36.86 -5.82
C GLU B 421 5.64 36.72 -4.75
N ASN B 422 5.26 36.46 -3.50
CA ASN B 422 6.19 36.49 -2.38
C ASN B 422 6.86 35.13 -2.18
N LEU B 423 8.19 35.14 -2.09
CA LEU B 423 8.97 33.93 -1.94
C LEU B 423 8.60 33.17 -0.67
N SER B 424 8.62 33.84 0.48
CA SER B 424 8.36 33.17 1.75
C SER B 424 6.95 32.62 1.78
N ARG B 425 5.97 33.44 1.39
CA ARG B 425 4.58 33.03 1.48
C ARG B 425 4.30 31.82 0.60
N ALA B 426 4.86 31.81 -0.62
CA ALA B 426 4.60 30.71 -1.54
C ALA B 426 4.96 29.36 -0.91
N HIS B 427 6.19 29.22 -0.43
CA HIS B 427 6.61 27.93 0.11
C HIS B 427 5.98 27.66 1.47
N ARG B 428 5.88 28.67 2.35
CA ARG B 428 5.38 28.36 3.68
C ARG B 428 3.92 27.94 3.62
N ALA B 429 3.12 28.57 2.75
CA ALA B 429 1.73 28.15 2.60
C ALA B 429 1.63 26.74 2.01
N ILE B 430 2.39 26.46 0.95
CA ILE B 430 2.32 25.14 0.32
C ILE B 430 2.74 24.05 1.30
N HIS B 431 3.74 24.32 2.15
CA HIS B 431 4.18 23.29 3.08
C HIS B 431 3.11 22.93 4.11
N ARG B 432 2.18 23.84 4.36
CA ARG B 432 1.13 23.58 5.35
C ARG B 432 -0.14 23.00 4.74
N LEU B 433 -0.27 22.96 3.41
CA LEU B 433 -1.50 22.49 2.79
C LEU B 433 -1.45 20.98 2.67
N GLU B 434 -2.54 20.32 3.07
CA GLU B 434 -2.58 18.86 3.19
C GLU B 434 -3.07 18.23 1.88
N ALA B 435 -2.19 18.24 0.89
CA ALA B 435 -2.50 17.69 -0.43
C ALA B 435 -1.24 17.13 -1.06
N GLY B 436 -1.42 16.10 -1.89
CA GLY B 436 -0.27 15.45 -2.52
C GLY B 436 0.26 16.14 -3.75
N ILE B 437 -0.52 17.01 -4.38
CA ILE B 437 -0.14 17.63 -5.64
C ILE B 437 -0.27 19.13 -5.46
N CYS B 438 0.85 19.85 -5.41
CA CYS B 438 0.83 21.26 -5.05
C CYS B 438 1.46 22.12 -6.13
N TRP B 439 0.80 23.24 -6.46
CA TRP B 439 1.23 24.12 -7.53
C TRP B 439 1.42 25.54 -7.02
N ILE B 440 2.53 26.18 -7.41
CA ILE B 440 2.80 27.57 -7.07
C ILE B 440 2.77 28.38 -8.37
N ASN B 441 1.83 29.33 -8.45
CA ASN B 441 1.72 30.26 -9.58
C ASN B 441 1.46 29.54 -10.91
N THR B 442 0.83 28.39 -10.84
CA THR B 442 0.39 27.62 -12.01
C THR B 442 -0.67 26.64 -11.53
N TRP B 443 -1.18 25.83 -12.45
CA TRP B 443 -2.10 24.75 -12.09
C TRP B 443 -2.11 23.70 -13.20
N GLY B 444 -2.24 22.44 -12.81
CA GLY B 444 -2.70 21.39 -13.70
C GLY B 444 -1.62 20.55 -14.37
N GLU B 445 -0.41 21.06 -14.54
CA GLU B 445 0.63 20.29 -15.21
CA GLU B 445 0.60 20.28 -15.22
C GLU B 445 1.02 19.09 -14.36
N SER B 446 1.20 17.94 -15.01
CA SER B 446 1.49 16.70 -14.30
C SER B 446 2.62 15.98 -15.01
N PRO B 447 3.85 16.50 -14.87
CA PRO B 447 4.99 15.92 -15.60
C PRO B 447 5.22 14.47 -15.22
N ALA B 448 5.76 13.72 -16.17
CA ALA B 448 6.06 12.30 -15.92
C ALA B 448 6.95 12.09 -14.71
N GLU B 449 7.85 13.05 -14.42
CA GLU B 449 8.79 12.93 -13.31
C GLU B 449 8.15 13.14 -11.95
N MET B 450 6.92 13.65 -11.90
CA MET B 450 6.36 14.18 -10.67
C MET B 450 5.35 13.19 -10.09
N PRO B 451 5.64 12.57 -8.94
CA PRO B 451 4.65 11.66 -8.35
C PRO B 451 3.37 12.42 -8.01
N VAL B 452 2.23 11.83 -8.34
CA VAL B 452 0.94 12.46 -8.12
C VAL B 452 -0.02 11.48 -7.46
N GLY B 453 -0.73 11.96 -6.46
CA GLY B 453 -1.73 11.16 -5.76
C GLY B 453 -2.21 11.94 -4.56
N GLY B 454 -3.12 11.31 -3.82
CA GLY B 454 -3.89 12.00 -2.81
C GLY B 454 -3.42 11.79 -1.38
N TYR B 455 -3.59 12.83 -0.58
CA TYR B 455 -3.65 12.71 0.87
C TYR B 455 -5.07 12.33 1.30
N LYS B 456 -5.18 11.82 2.53
CA LYS B 456 -6.47 11.60 3.19
C LYS B 456 -7.31 10.67 2.32
N GLN B 457 -8.56 11.00 2.04
CA GLN B 457 -9.42 10.08 1.32
C GLN B 457 -9.38 10.30 -0.19
N SER B 458 -8.44 11.11 -0.68
CA SER B 458 -8.27 11.29 -2.11
C SER B 458 -7.38 10.23 -2.75
N GLY B 459 -6.81 9.32 -1.98
CA GLY B 459 -6.11 8.22 -2.62
C GLY B 459 -5.17 7.47 -1.71
N VAL B 460 -4.61 6.42 -2.28
CA VAL B 460 -3.56 5.60 -1.68
CA VAL B 460 -3.54 5.66 -1.67
C VAL B 460 -2.47 5.42 -2.72
N GLY B 461 -1.22 5.59 -2.34
CA GLY B 461 -0.17 5.42 -3.32
C GLY B 461 -0.10 6.58 -4.30
N ARG B 462 0.74 6.40 -5.31
CA ARG B 462 1.04 7.45 -6.27
C ARG B 462 1.14 6.88 -7.68
N GLU B 463 1.06 7.78 -8.66
CA GLU B 463 1.39 7.50 -10.05
C GLU B 463 2.49 8.46 -10.50
N ASN B 464 3.23 8.04 -11.53
CA ASN B 464 4.31 8.79 -12.17
C ASN B 464 5.53 8.94 -11.25
N GLY B 465 6.61 9.47 -11.80
CA GLY B 465 7.88 9.51 -11.09
C GLY B 465 8.58 8.16 -10.98
N ILE B 466 9.86 8.21 -10.60
CA ILE B 466 10.62 6.98 -10.41
C ILE B 466 9.96 6.10 -9.34
N THR B 467 9.42 6.72 -8.28
N THR B 467 9.42 6.72 -8.29
CA THR B 467 8.88 5.94 -7.17
CA THR B 467 8.86 5.97 -7.17
C THR B 467 7.77 5.00 -7.61
C THR B 467 7.78 4.98 -7.62
N THR B 468 6.98 5.37 -8.61
CA THR B 468 5.87 4.52 -9.01
C THR B 468 6.34 3.29 -9.74
N LEU B 469 7.42 3.41 -10.52
CA LEU B 469 8.01 2.23 -11.15
C LEU B 469 8.45 1.24 -10.09
N GLU B 470 9.05 1.75 -9.02
CA GLU B 470 9.48 0.88 -7.93
C GLU B 470 8.29 0.19 -7.26
N HIS B 471 7.13 0.84 -7.20
CA HIS B 471 5.94 0.24 -6.60
C HIS B 471 5.21 -0.75 -7.50
N TYR B 472 5.71 -1.00 -8.71
CA TYR B 472 5.25 -2.10 -9.53
C TYR B 472 6.23 -3.27 -9.48
N THR B 473 7.08 -3.28 -8.48
CA THR B 473 7.90 -4.44 -8.16
C THR B 473 7.66 -4.81 -6.71
N ARG B 474 8.04 -6.06 -6.39
CA ARG B 474 8.05 -6.53 -5.01
C ARG B 474 9.48 -6.84 -4.62
N ILE B 475 9.80 -6.58 -3.36
CA ILE B 475 11.17 -6.72 -2.87
C ILE B 475 11.39 -8.15 -2.37
N LYS B 476 12.44 -8.79 -2.87
CA LYS B 476 12.93 -10.04 -2.33
C LYS B 476 14.30 -9.77 -1.70
N SER B 477 14.43 -10.02 -0.41
CA SER B 477 15.72 -9.92 0.26
C SER B 477 16.38 -11.28 0.30
N VAL B 478 17.67 -11.33 -0.05
CA VAL B 478 18.44 -12.57 -0.09
C VAL B 478 19.63 -12.41 0.84
N GLN B 479 19.68 -13.21 1.91
CA GLN B 479 20.86 -13.24 2.77
C GLN B 479 21.72 -14.43 2.38
N VAL B 480 22.98 -14.16 2.07
CA VAL B 480 23.96 -15.18 1.73
C VAL B 480 24.87 -15.39 2.93
N GLU B 481 24.88 -16.59 3.48
CA GLU B 481 25.80 -16.94 4.56
C GLU B 481 27.00 -17.67 3.95
N LEU B 482 28.19 -17.08 4.08
CA LEU B 482 29.42 -17.66 3.57
C LEU B 482 30.19 -18.42 4.64
N GLY B 483 29.89 -18.19 5.92
CA GLY B 483 30.59 -18.82 7.00
C GLY B 483 29.82 -20.00 7.56
N ARG B 484 30.31 -20.52 8.67
CA ARG B 484 29.66 -21.63 9.34
CA ARG B 484 29.66 -21.63 9.34
C ARG B 484 28.35 -21.17 9.97
N TYR B 485 27.30 -21.99 9.82
CA TYR B 485 26.06 -21.70 10.51
C TYR B 485 26.22 -22.11 11.96
N GLN B 486 26.12 -21.15 12.86
CA GLN B 486 26.33 -21.46 14.27
C GLN B 486 25.08 -22.10 14.83
N PRO B 487 25.14 -23.35 15.28
CA PRO B 487 23.92 -24.01 15.77
C PRO B 487 23.28 -23.21 16.89
N VAL B 488 21.98 -23.02 16.77
CA VAL B 488 21.20 -22.41 17.84
C VAL B 488 20.77 -23.43 18.88
N PHE B 489 20.39 -24.64 18.42
CA PHE B 489 20.12 -25.79 19.27
C PHE B 489 21.38 -26.67 19.32
N GLY B 490 22.07 -26.64 20.46
CA GLY B 490 23.24 -27.47 20.63
C GLY B 490 23.28 -28.15 21.99
#